data_8V5L
#
_entry.id   8V5L
#
_cell.length_a   218.776
_cell.length_b   63.493
_cell.length_c   96.484
_cell.angle_alpha   90.000
_cell.angle_beta   99.960
_cell.angle_gamma   90.000
#
_symmetry.space_group_name_H-M   'C 1 2 1'
#
loop_
_entity.id
_entity.type
_entity.pdbx_description
1 polymer 'Fab 1A2 Heavy Chain'
2 polymer 'Fab 1A2 Light Chain'
3 polymer 'Envelope glycoprotein E'
4 polymer 'Fab 1E12 Heavy Chain'
5 polymer 'Fab 1E12 Light Chain'
#
loop_
_entity_poly.entity_id
_entity_poly.type
_entity_poly.pdbx_seq_one_letter_code
_entity_poly.pdbx_strand_id
1 'polypeptide(L)'
;EVQLVQSGAEMKKPGASVKVSCKTSGYVFNEYYIHWVRQAPGQGLEWLGRINPNSGDANYAPKFQGRVTLTRDTSIRTYF
MELNRLRSDDTAVYYCARIMYFEYDSWSDYWGQGTLVTVSSAASTKGPSVFPLAPSSKSTSGGTAALGCLVKDYFPEPVT
VSWNSGALTSGVHTFPAVLQSSGLYSLSSVVTVPSSSLGTQTYICNVNHKPSNTKVDKRVEPKSCDKGSENLYFQGSHHH
HHH
;
H
2 'polypeptide(L)'
;DIQMTQSPSSLSASVGDRVTITCRASQSIRSNLNWYQQKPGKAPNVLIYATSSLQSGVPSRFSGSGSGTDFTLTIRSLQP
EDFATYYCQQSYSLPWTFGQGTKVEIKRTVAAPSVFIFPPSDEQLKSGTASVVCLLNNFYPREAKVQWKVDNALQSGNSQ
ESVTEQDSKDSTYSLSSTLTLSKADYEKHKVYACEVTHQGLSSPVTKSFNRGEC
;
L
3 'polypeptide(L)'
;IVNVDQRQYGDVFKGDLNPKPQGQRLIEVSVEENHPFTLRAPIQRIYGVRYTETWSFLPSLTCTGDAAPAIQHICLKHTT
CFQDVVVDVDCAENTKEDQLAEISYRFQGKKEADQPWIVVNTSTLFDELELDPPEIEPGVLKVLRTEKQYLGVYIWNMRG
SDGTSTYATFLVTWKGDEKTRNPTPAVTPQENLYFQGHHHHHH
;
A
4 'polypeptide(L)'
;QVQLQESGPGLVRPSQTLSLTCTVSGGSITSGSFYWSWVRQSAGKGLEWIGRIFKTGSTTYKPSLKSRVTMSVDTSKNQF
SLKLSSVTATDTAVYFCARAPFYNDFSGYSYYFDYWGQGTLVTVSSAASTKGPSVFPLAPSSKSTSGGTAALGCLVKDYF
PEPVTVSWNSGALTSGVHTFPAVLQSSGLYSLSSVVTVPSSSLGTQTYICNVNHKPSNTKVDKRVEPKSCDKGSENLYFQ
GSHHHHHH
;
B
5 'polypeptide(L)'
;QSVLTQPPSASGTPGQRVTISCSGSSSDIGPNTVHWYRQVPGTAPTLLIYSDNQRPSGVPARFSGSRSGTSASLAISGLQ
SEDEAIYYCAAWDDSLNPLYVFGTGTKVTVLGRTVAAPSVFIFPPSDEQLKSGTASVVCLLNNFYPREAKVQWKVDNALQ
SGNSQESVTEQDSKDSTYSLSSTLTLSKADYEKHKVYACEVTHQGLSSPVTKSFNRGEC
;
C
#
# COMPACT_ATOMS: atom_id res chain seq x y z
N GLU A 1 -2.57 -10.70 6.53
CA GLU A 1 -2.07 -12.06 6.39
C GLU A 1 -0.74 -12.09 5.65
N VAL A 2 0.36 -12.16 6.41
CA VAL A 2 1.67 -12.19 5.79
C VAL A 2 1.81 -13.47 4.98
N GLN A 3 2.06 -13.33 3.68
CA GLN A 3 2.22 -14.47 2.79
C GLN A 3 3.47 -14.29 1.96
N LEU A 4 4.33 -15.32 1.97
CA LEU A 4 5.54 -15.34 1.15
C LEU A 4 5.41 -16.50 0.16
N VAL A 5 5.55 -16.20 -1.12
CA VAL A 5 5.38 -17.19 -2.18
C VAL A 5 6.67 -17.25 -2.99
N GLN A 6 7.25 -18.43 -3.09
CA GLN A 6 8.52 -18.60 -3.78
C GLN A 6 8.32 -19.22 -5.17
N SER A 7 9.39 -19.20 -5.96
CA SER A 7 9.34 -19.72 -7.32
C SER A 7 9.27 -21.24 -7.29
N GLY A 8 9.13 -21.83 -8.48
CA GLY A 8 8.98 -23.26 -8.60
C GLY A 8 10.28 -24.01 -8.49
N ALA A 9 10.16 -25.34 -8.35
CA ALA A 9 11.34 -26.19 -8.23
C ALA A 9 12.12 -26.19 -9.53
N GLU A 10 13.44 -26.39 -9.42
CA GLU A 10 14.31 -26.30 -10.58
C GLU A 10 15.38 -27.38 -10.53
N MET A 11 15.78 -27.82 -11.72
CA MET A 11 16.93 -28.69 -11.90
C MET A 11 18.02 -27.92 -12.63
N LYS A 12 19.23 -27.96 -12.10
CA LYS A 12 20.35 -27.23 -12.68
C LYS A 12 21.54 -28.16 -12.77
N LYS A 13 22.43 -27.86 -13.73
CA LYS A 13 23.60 -28.70 -13.87
C LYS A 13 24.79 -28.08 -13.15
N PRO A 14 25.75 -28.88 -12.70
CA PRO A 14 26.87 -28.33 -11.91
C PRO A 14 27.59 -27.21 -12.67
N GLY A 15 27.84 -26.11 -11.96
CA GLY A 15 28.42 -24.93 -12.55
C GLY A 15 27.44 -23.86 -12.96
N ALA A 16 26.15 -24.18 -13.01
CA ALA A 16 25.13 -23.21 -13.38
C ALA A 16 24.83 -22.28 -12.22
N SER A 17 23.90 -21.36 -12.43
CA SER A 17 23.47 -20.41 -11.42
C SER A 17 21.96 -20.49 -11.28
N VAL A 18 21.49 -20.53 -10.04
CA VAL A 18 20.06 -20.63 -9.77
C VAL A 18 19.61 -19.32 -9.11
N LYS A 19 18.53 -18.74 -9.62
CA LYS A 19 17.92 -17.55 -9.04
C LYS A 19 16.51 -17.93 -8.57
N VAL A 20 16.33 -17.91 -7.25
CA VAL A 20 15.04 -18.18 -6.62
C VAL A 20 14.40 -16.86 -6.24
N SER A 21 13.09 -16.76 -6.44
CA SER A 21 12.33 -15.56 -6.16
C SER A 21 11.44 -15.76 -4.93
N CYS A 22 11.04 -14.64 -4.33
CA CYS A 22 10.23 -14.67 -3.11
C CYS A 22 9.39 -13.40 -3.08
N LYS A 23 8.09 -13.53 -3.40
CA LYS A 23 7.17 -12.41 -3.40
C LYS A 23 6.44 -12.36 -2.07
N THR A 24 6.45 -11.19 -1.43
CA THR A 24 5.87 -11.02 -0.11
C THR A 24 4.60 -10.19 -0.19
N SER A 25 3.70 -10.41 0.77
CA SER A 25 2.46 -9.64 0.83
C SER A 25 1.94 -9.63 2.26
N GLY A 26 1.09 -8.64 2.56
CA GLY A 26 0.41 -8.57 3.83
C GLY A 26 1.12 -7.81 4.93
N TYR A 27 2.17 -7.07 4.61
CA TYR A 27 2.92 -6.32 5.63
C TYR A 27 3.69 -5.20 4.95
N VAL A 28 4.18 -4.28 5.75
CA VAL A 28 4.99 -3.17 5.24
C VAL A 28 6.32 -3.74 4.76
N PHE A 29 6.50 -3.75 3.44
CA PHE A 29 7.66 -4.41 2.83
C PHE A 29 8.96 -3.86 3.39
N ASN A 30 9.04 -2.54 3.60
CA ASN A 30 10.27 -1.87 3.97
C ASN A 30 10.46 -1.75 5.48
N GLU A 31 9.76 -2.56 6.27
CA GLU A 31 9.90 -2.52 7.73
C GLU A 31 10.38 -3.85 8.31
N TYR A 32 10.71 -4.84 7.48
CA TYR A 32 11.09 -6.16 7.95
C TYR A 32 12.17 -6.74 7.06
N TYR A 33 13.21 -7.30 7.67
CA TYR A 33 14.26 -8.00 6.94
C TYR A 33 13.72 -9.32 6.38
N ILE A 34 14.35 -9.78 5.29
CA ILE A 34 14.08 -11.12 4.76
C ILE A 34 15.39 -11.87 4.65
N HIS A 35 15.40 -13.10 5.13
CA HIS A 35 16.61 -13.91 5.07
C HIS A 35 16.32 -15.25 4.42
N TRP A 36 17.39 -15.94 4.05
CA TRP A 36 17.33 -17.16 3.27
C TRP A 36 18.00 -18.30 4.02
N VAL A 37 17.31 -19.43 4.13
CA VAL A 37 17.79 -20.61 4.83
C VAL A 37 17.70 -21.78 3.86
N ARG A 38 18.57 -22.77 4.05
CA ARG A 38 18.56 -23.95 3.21
C ARG A 38 18.45 -25.19 4.08
N GLN A 39 17.64 -26.15 3.64
CA GLN A 39 17.52 -27.44 4.31
C GLN A 39 17.91 -28.50 3.28
N ALA A 40 19.03 -29.17 3.54
CA ALA A 40 19.49 -30.23 2.65
C ALA A 40 18.57 -31.44 2.78
N PRO A 41 18.54 -32.30 1.77
CA PRO A 41 17.75 -33.54 1.89
C PRO A 41 18.23 -34.40 3.05
N GLY A 42 17.36 -34.57 4.04
CA GLY A 42 17.66 -35.38 5.20
C GLY A 42 18.48 -34.72 6.27
N GLN A 43 18.79 -33.42 6.15
CA GLN A 43 19.62 -32.74 7.13
C GLN A 43 18.92 -31.51 7.68
N GLY A 44 19.64 -30.68 8.43
CA GLY A 44 19.07 -29.54 9.11
C GLY A 44 19.14 -28.25 8.32
N LEU A 45 19.09 -27.14 9.05
CA LEU A 45 18.97 -25.81 8.47
C LEU A 45 20.33 -25.11 8.44
N GLU A 46 20.52 -24.29 7.41
CA GLU A 46 21.75 -23.53 7.20
C GLU A 46 21.41 -22.14 6.74
N TRP A 47 22.15 -21.15 7.25
CA TRP A 47 21.86 -19.74 6.96
C TRP A 47 22.68 -19.29 5.75
N LEU A 48 21.98 -18.73 4.75
CA LEU A 48 22.65 -18.16 3.59
C LEU A 48 22.97 -16.69 3.80
N GLY A 49 21.94 -15.88 4.06
CA GLY A 49 22.15 -14.47 4.26
C GLY A 49 20.85 -13.77 4.61
N ARG A 50 20.97 -12.48 4.84
CA ARG A 50 19.84 -11.61 5.14
C ARG A 50 19.95 -10.37 4.28
N ILE A 51 18.80 -9.76 3.98
CA ILE A 51 18.75 -8.54 3.19
C ILE A 51 17.73 -7.58 3.81
N ASN A 52 18.13 -6.32 3.90
CA ASN A 52 17.30 -5.19 4.28
C ASN A 52 16.54 -4.67 3.05
N PRO A 53 15.21 -4.58 3.10
CA PRO A 53 14.47 -4.04 1.95
C PRO A 53 14.85 -2.61 1.59
N ASN A 54 15.24 -1.80 2.58
CA ASN A 54 15.50 -0.40 2.30
C ASN A 54 16.88 -0.19 1.68
N SER A 55 17.94 -0.54 2.41
CA SER A 55 19.28 -0.24 1.95
C SER A 55 19.75 -1.14 0.83
N GLY A 56 19.00 -2.20 0.51
CA GLY A 56 19.47 -3.18 -0.46
C GLY A 56 20.78 -3.83 -0.07
N ASP A 57 21.12 -3.78 1.21
CA ASP A 57 22.39 -4.27 1.73
C ASP A 57 22.17 -5.64 2.35
N ALA A 58 23.14 -6.53 2.18
CA ALA A 58 22.99 -7.91 2.58
C ALA A 58 24.14 -8.34 3.48
N ASN A 59 23.89 -9.37 4.28
CA ASN A 59 24.91 -10.02 5.10
C ASN A 59 24.87 -11.51 4.83
N TYR A 60 26.01 -12.07 4.45
CA TYR A 60 26.11 -13.46 4.01
C TYR A 60 26.94 -14.29 4.98
N ALA A 61 26.67 -15.60 4.99
CA ALA A 61 27.47 -16.52 5.78
C ALA A 61 28.84 -16.70 5.14
N PRO A 62 29.85 -17.10 5.93
CA PRO A 62 31.20 -17.27 5.36
C PRO A 62 31.27 -18.27 4.22
N LYS A 63 30.54 -19.37 4.32
CA LYS A 63 30.62 -20.42 3.29
C LYS A 63 30.11 -19.92 1.94
N PHE A 64 29.06 -19.13 1.95
CA PHE A 64 28.38 -18.72 0.73
C PHE A 64 28.82 -17.36 0.21
N GLN A 65 29.64 -16.63 0.97
CA GLN A 65 30.13 -15.33 0.52
C GLN A 65 30.87 -15.48 -0.80
N GLY A 66 30.54 -14.62 -1.77
CA GLY A 66 31.08 -14.72 -3.11
C GLY A 66 30.36 -15.70 -4.01
N ARG A 67 29.62 -16.65 -3.45
CA ARG A 67 28.83 -17.59 -4.24
C ARG A 67 27.34 -17.29 -4.22
N VAL A 68 26.86 -16.50 -3.26
CA VAL A 68 25.45 -16.16 -3.14
C VAL A 68 25.29 -14.65 -3.27
N THR A 69 24.24 -14.24 -3.96
CA THR A 69 23.91 -12.82 -4.10
C THR A 69 22.42 -12.63 -3.80
N LEU A 70 22.13 -11.71 -2.87
CA LEU A 70 20.76 -11.40 -2.49
C LEU A 70 20.39 -10.02 -3.01
N THR A 71 19.28 -9.94 -3.72
CA THR A 71 18.81 -8.69 -4.33
C THR A 71 17.33 -8.50 -4.01
N ARG A 72 16.82 -7.31 -4.30
CA ARG A 72 15.43 -7.00 -4.05
C ARG A 72 14.88 -6.13 -5.16
N ASP A 73 13.56 -6.20 -5.33
CA ASP A 73 12.78 -5.30 -6.18
C ASP A 73 11.61 -4.84 -5.32
N THR A 74 11.74 -3.63 -4.77
CA THR A 74 10.73 -3.11 -3.87
C THR A 74 9.43 -2.80 -4.59
N SER A 75 9.50 -2.48 -5.89
CA SER A 75 8.28 -2.15 -6.64
C SER A 75 7.35 -3.34 -6.72
N ILE A 76 7.90 -4.53 -6.95
CA ILE A 76 7.10 -5.75 -7.05
C ILE A 76 7.13 -6.56 -5.76
N ARG A 77 7.76 -6.04 -4.71
CA ARG A 77 7.82 -6.69 -3.40
C ARG A 77 8.43 -8.08 -3.50
N THR A 78 9.58 -8.19 -4.17
CA THR A 78 10.15 -9.51 -4.44
C THR A 78 11.64 -9.55 -4.12
N TYR A 79 12.04 -10.56 -3.37
CA TYR A 79 13.44 -10.82 -3.04
C TYR A 79 13.99 -11.91 -3.95
N PHE A 80 15.28 -11.83 -4.23
CA PHE A 80 15.94 -12.80 -5.10
C PHE A 80 17.19 -13.32 -4.43
N MET A 81 17.41 -14.62 -4.59
CA MET A 81 18.65 -15.28 -4.20
C MET A 81 19.28 -15.90 -5.44
N GLU A 82 20.59 -15.76 -5.57
CA GLU A 82 21.32 -16.39 -6.67
C GLU A 82 22.51 -17.16 -6.13
N LEU A 83 22.57 -18.44 -6.46
CA LEU A 83 23.70 -19.31 -6.13
C LEU A 83 24.47 -19.62 -7.40
N ASN A 84 25.75 -19.29 -7.42
CA ASN A 84 26.63 -19.51 -8.55
C ASN A 84 27.53 -20.72 -8.30
N ARG A 85 28.18 -21.17 -9.37
CA ARG A 85 29.09 -22.32 -9.30
C ARG A 85 28.42 -23.50 -8.60
N LEU A 86 27.22 -23.84 -9.07
CA LEU A 86 26.42 -24.86 -8.41
C LEU A 86 27.16 -26.20 -8.38
N ARG A 87 27.01 -26.92 -7.28
CA ARG A 87 27.64 -28.21 -7.08
C ARG A 87 26.60 -29.18 -6.53
N SER A 88 26.96 -30.46 -6.50
CA SER A 88 26.05 -31.49 -6.01
C SER A 88 25.68 -31.26 -4.56
N ASP A 89 26.59 -30.71 -3.75
CA ASP A 89 26.29 -30.41 -2.35
C ASP A 89 25.22 -29.34 -2.21
N ASP A 90 24.93 -28.58 -3.27
CA ASP A 90 23.99 -27.47 -3.19
C ASP A 90 22.54 -27.88 -3.41
N THR A 91 22.29 -29.17 -3.68
CA THR A 91 20.92 -29.65 -3.81
C THR A 91 20.21 -29.54 -2.47
N ALA A 92 19.11 -28.78 -2.41
CA ALA A 92 18.44 -28.54 -1.14
C ALA A 92 17.13 -27.81 -1.38
N VAL A 93 16.34 -27.69 -0.32
CA VAL A 93 15.15 -26.85 -0.32
C VAL A 93 15.53 -25.49 0.25
N TYR A 94 15.33 -24.44 -0.54
CA TYR A 94 15.67 -23.08 -0.17
C TYR A 94 14.43 -22.33 0.27
N TYR A 95 14.53 -21.64 1.40
CA TYR A 95 13.41 -21.00 2.07
C TYR A 95 13.72 -19.51 2.23
N CYS A 96 12.72 -18.68 1.97
CA CYS A 96 12.76 -17.25 2.27
C CYS A 96 11.82 -16.97 3.44
N ALA A 97 12.28 -16.20 4.41
CA ALA A 97 11.49 -15.96 5.61
C ALA A 97 11.65 -14.54 6.09
N ARG A 98 10.58 -14.02 6.70
CA ARG A 98 10.58 -12.70 7.29
C ARG A 98 11.16 -12.75 8.69
N ILE A 99 11.90 -11.70 9.07
CA ILE A 99 12.50 -11.62 10.40
C ILE A 99 11.75 -10.58 11.20
N MET A 100 11.22 -11.00 12.34
CA MET A 100 10.68 -10.08 13.32
C MET A 100 11.72 -9.82 14.41
N TYR A 101 11.80 -8.57 14.84
CA TYR A 101 12.78 -8.08 15.80
C TYR A 101 12.06 -7.60 17.04
N PHE A 102 12.62 -7.93 18.21
CA PHE A 102 12.22 -7.29 19.46
C PHE A 102 13.48 -6.93 20.22
N GLU A 103 13.79 -5.64 20.28
CA GLU A 103 15.04 -5.13 20.84
C GLU A 103 16.16 -5.83 20.08
N TYR A 104 17.04 -6.58 20.74
CA TYR A 104 18.16 -7.25 20.07
C TYR A 104 17.83 -8.69 19.69
N ASP A 105 16.61 -9.14 19.95
CA ASP A 105 16.18 -10.50 19.63
C ASP A 105 15.60 -10.57 18.23
N SER A 106 15.90 -11.65 17.52
CA SER A 106 15.44 -11.86 16.16
C SER A 106 14.84 -13.25 16.03
N TRP A 107 13.84 -13.38 15.16
CA TRP A 107 13.31 -14.69 14.84
C TRP A 107 12.57 -14.61 13.51
N SER A 108 12.16 -15.76 13.00
CA SER A 108 11.51 -15.88 11.70
C SER A 108 10.05 -16.23 11.91
N ASP A 109 9.16 -15.24 11.82
CA ASP A 109 7.75 -15.45 12.11
C ASP A 109 7.07 -16.21 10.98
N TYR A 110 7.05 -15.63 9.78
CA TYR A 110 6.36 -16.20 8.63
C TYR A 110 7.37 -16.72 7.62
N TRP A 111 7.23 -17.99 7.26
CA TRP A 111 8.14 -18.66 6.34
C TRP A 111 7.51 -18.81 4.96
N GLY A 112 8.37 -18.96 3.96
CA GLY A 112 7.93 -19.28 2.62
C GLY A 112 7.55 -20.74 2.51
N GLN A 113 7.30 -21.17 1.27
CA GLN A 113 6.84 -22.54 1.05
C GLN A 113 7.98 -23.49 0.74
N GLY A 114 9.09 -22.99 0.23
CA GLY A 114 10.23 -23.81 -0.11
C GLY A 114 10.37 -23.96 -1.62
N THR A 115 11.62 -23.95 -2.09
CA THR A 115 11.93 -24.17 -3.49
C THR A 115 13.01 -25.23 -3.57
N LEU A 116 12.72 -26.35 -4.21
CA LEU A 116 13.69 -27.43 -4.31
C LEU A 116 14.60 -27.18 -5.50
N VAL A 117 15.91 -27.16 -5.24
CA VAL A 117 16.92 -27.00 -6.28
C VAL A 117 17.72 -28.29 -6.31
N THR A 118 17.70 -28.96 -7.47
CA THR A 118 18.37 -30.25 -7.67
C THR A 118 19.51 -30.05 -8.65
N VAL A 119 20.74 -30.21 -8.18
CA VAL A 119 21.93 -30.08 -9.03
C VAL A 119 22.27 -31.47 -9.55
N SER A 120 21.89 -31.73 -10.81
CA SER A 120 22.11 -33.01 -11.44
C SER A 120 22.70 -32.81 -12.83
N SER A 121 23.45 -33.80 -13.29
CA SER A 121 24.01 -33.77 -14.63
C SER A 121 23.01 -34.19 -15.70
N ALA A 122 21.81 -34.59 -15.31
CA ALA A 122 20.76 -34.89 -16.27
C ALA A 122 20.37 -33.64 -17.03
N ALA A 123 19.82 -33.84 -18.23
CA ALA A 123 19.56 -32.72 -19.15
C ALA A 123 18.09 -32.47 -19.43
N SER A 124 17.18 -33.35 -19.02
CA SER A 124 15.75 -33.16 -19.31
C SER A 124 14.92 -33.62 -18.12
N THR A 125 14.04 -32.75 -17.65
CA THR A 125 13.10 -33.10 -16.59
C THR A 125 12.05 -34.05 -17.15
N LYS A 126 12.11 -35.32 -16.74
CA LYS A 126 11.18 -36.33 -17.23
C LYS A 126 9.94 -36.32 -16.36
N GLY A 127 8.79 -36.05 -16.98
CA GLY A 127 7.54 -35.93 -16.26
C GLY A 127 7.05 -37.25 -15.70
N PRO A 128 6.11 -37.18 -14.77
CA PRO A 128 5.60 -38.40 -14.13
C PRO A 128 4.65 -39.18 -15.03
N SER A 129 4.56 -40.48 -14.77
CA SER A 129 3.64 -41.37 -15.45
C SER A 129 2.68 -41.92 -14.39
N VAL A 130 1.40 -41.58 -14.51
CA VAL A 130 0.40 -41.88 -13.50
C VAL A 130 -0.40 -43.11 -13.93
N PHE A 131 -0.51 -44.08 -13.03
CA PHE A 131 -1.30 -45.28 -13.28
C PHE A 131 -2.30 -45.49 -12.16
N PRO A 132 -3.44 -46.13 -12.45
CA PRO A 132 -4.49 -46.26 -11.44
C PRO A 132 -4.34 -47.49 -10.56
N LEU A 133 -4.44 -47.30 -9.23
CA LEU A 133 -4.49 -48.40 -8.27
C LEU A 133 -5.97 -48.64 -7.99
N ALA A 134 -6.56 -49.56 -8.75
CA ALA A 134 -8.00 -49.70 -8.81
C ALA A 134 -8.55 -50.32 -7.52
N PRO A 135 -9.71 -49.85 -7.03
CA PRO A 135 -10.31 -50.36 -5.78
C PRO A 135 -11.29 -51.50 -6.01
N SER A 136 -10.75 -52.69 -6.30
CA SER A 136 -11.58 -53.88 -6.52
C SER A 136 -10.99 -55.04 -5.73
N SER A 137 -11.47 -55.22 -4.51
CA SER A 137 -11.10 -56.38 -3.69
C SER A 137 -12.02 -57.56 -3.99
N LYS A 138 -12.01 -57.97 -5.26
CA LYS A 138 -12.86 -59.05 -5.78
C LYS A 138 -14.35 -58.73 -5.61
N SER A 139 -14.68 -57.44 -5.67
CA SER A 139 -16.05 -56.93 -5.51
C SER A 139 -16.63 -57.26 -4.13
N THR A 140 -15.78 -57.57 -3.15
CA THR A 140 -16.18 -57.71 -1.76
C THR A 140 -15.22 -56.86 -0.93
N SER A 141 -15.49 -55.56 -0.87
CA SER A 141 -14.68 -54.62 -0.10
C SER A 141 -15.38 -54.29 1.22
N GLY A 142 -15.35 -55.27 2.13
CA GLY A 142 -15.97 -55.10 3.44
C GLY A 142 -15.30 -54.03 4.28
N GLY A 143 -16.09 -53.08 4.76
CA GLY A 143 -15.53 -52.01 5.58
C GLY A 143 -14.93 -50.92 4.72
N THR A 144 -13.70 -50.53 5.04
CA THR A 144 -12.99 -49.52 4.27
C THR A 144 -12.52 -50.11 2.93
N ALA A 145 -12.21 -49.23 1.99
CA ALA A 145 -11.67 -49.65 0.70
C ALA A 145 -10.53 -48.72 0.32
N ALA A 146 -9.45 -49.29 -0.19
CA ALA A 146 -8.26 -48.53 -0.53
C ALA A 146 -8.17 -48.30 -2.04
N LEU A 147 -7.84 -47.09 -2.43
CA LEU A 147 -7.67 -46.76 -3.85
C LEU A 147 -6.48 -45.84 -4.00
N GLY A 148 -5.85 -45.85 -5.16
CA GLY A 148 -4.63 -45.05 -5.24
C GLY A 148 -4.20 -44.66 -6.63
N CYS A 149 -3.05 -43.97 -6.66
CA CYS A 149 -2.43 -43.48 -7.89
C CYS A 149 -0.93 -43.73 -7.77
N LEU A 150 -0.38 -44.50 -8.72
CA LEU A 150 1.05 -44.80 -8.75
C LEU A 150 1.72 -43.84 -9.72
N VAL A 151 2.52 -42.92 -9.20
CA VAL A 151 3.37 -42.07 -10.02
C VAL A 151 4.62 -42.87 -10.36
N LYS A 152 4.73 -43.28 -11.63
CA LYS A 152 5.67 -44.34 -12.03
C LYS A 152 7.10 -43.81 -12.11
N ASP A 153 7.36 -42.85 -12.98
CA ASP A 153 8.75 -42.43 -13.19
C ASP A 153 8.79 -40.93 -13.45
N TYR A 154 9.57 -40.21 -12.65
CA TYR A 154 9.67 -38.77 -12.77
C TYR A 154 11.02 -38.30 -12.26
N PHE A 155 11.50 -37.21 -12.86
CA PHE A 155 12.75 -36.54 -12.48
C PHE A 155 12.64 -35.07 -12.85
N PRO A 156 13.04 -34.16 -11.97
CA PRO A 156 13.48 -34.39 -10.59
C PRO A 156 12.30 -34.44 -9.63
N GLU A 157 12.56 -34.23 -8.37
CA GLU A 157 11.52 -34.07 -7.38
C GLU A 157 11.20 -32.59 -7.19
N PRO A 158 10.03 -32.25 -6.65
CA PRO A 158 8.98 -33.08 -6.07
C PRO A 158 7.75 -33.27 -6.94
N VAL A 159 6.87 -34.15 -6.49
CA VAL A 159 5.54 -34.34 -7.07
C VAL A 159 4.52 -34.11 -5.97
N THR A 160 3.54 -33.25 -6.23
CA THR A 160 2.47 -32.99 -5.26
C THR A 160 1.21 -33.69 -5.74
N VAL A 161 0.65 -34.55 -4.89
CA VAL A 161 -0.54 -35.33 -5.23
C VAL A 161 -1.65 -34.96 -4.26
N SER A 162 -2.80 -34.59 -4.81
CA SER A 162 -4.01 -34.35 -4.06
C SER A 162 -5.13 -35.23 -4.60
N TRP A 163 -6.24 -35.29 -3.89
CA TRP A 163 -7.37 -36.11 -4.31
C TRP A 163 -8.64 -35.29 -4.36
N ASN A 164 -9.45 -35.54 -5.41
CA ASN A 164 -10.69 -34.80 -5.65
C ASN A 164 -10.44 -33.30 -5.67
N SER A 165 -9.37 -32.90 -6.35
CA SER A 165 -8.94 -31.51 -6.48
C SER A 165 -8.65 -30.84 -5.14
N GLY A 166 -8.51 -31.63 -4.07
CA GLY A 166 -8.26 -31.10 -2.74
C GLY A 166 -9.39 -31.30 -1.76
N ALA A 167 -10.57 -31.75 -2.22
CA ALA A 167 -11.67 -31.99 -1.30
C ALA A 167 -11.37 -33.14 -0.36
N LEU A 168 -10.76 -34.21 -0.88
CA LEU A 168 -10.43 -35.39 -0.08
C LEU A 168 -9.09 -35.16 0.63
N THR A 169 -9.17 -34.81 1.91
CA THR A 169 -7.98 -34.61 2.74
C THR A 169 -7.86 -35.63 3.86
N SER A 170 -8.91 -36.42 4.11
CA SER A 170 -8.93 -37.34 5.24
C SER A 170 -8.55 -38.74 4.77
N GLY A 171 -7.57 -39.33 5.45
CA GLY A 171 -7.14 -40.67 5.12
C GLY A 171 -6.24 -40.77 3.91
N VAL A 172 -5.75 -39.66 3.39
CA VAL A 172 -4.86 -39.67 2.24
C VAL A 172 -3.43 -39.87 2.72
N HIS A 173 -2.77 -40.90 2.17
CA HIS A 173 -1.38 -41.23 2.51
C HIS A 173 -0.57 -41.16 1.22
N THR A 174 0.20 -40.09 1.05
CA THR A 174 1.14 -39.98 -0.07
C THR A 174 2.52 -40.36 0.44
N PHE A 175 3.00 -41.53 0.03
CA PHE A 175 4.23 -42.07 0.57
C PHE A 175 5.44 -41.33 0.00
N PRO A 176 6.56 -41.34 0.72
CA PRO A 176 7.78 -40.70 0.20
C PRO A 176 8.29 -41.41 -1.04
N ALA A 177 8.95 -40.65 -1.90
CA ALA A 177 9.47 -41.19 -3.15
C ALA A 177 10.58 -42.20 -2.88
N VAL A 178 10.74 -43.13 -3.82
CA VAL A 178 11.81 -44.12 -3.78
C VAL A 178 12.63 -43.97 -5.05
N LEU A 179 13.91 -43.62 -4.89
CA LEU A 179 14.81 -43.56 -6.03
C LEU A 179 14.93 -44.94 -6.65
N GLN A 180 14.71 -45.02 -7.96
CA GLN A 180 14.78 -46.30 -8.66
C GLN A 180 16.10 -46.46 -9.38
N SER A 181 16.33 -47.68 -9.87
CA SER A 181 17.56 -48.02 -10.57
C SER A 181 17.74 -47.16 -11.82
N SER A 182 16.64 -46.66 -12.39
CA SER A 182 16.70 -45.84 -13.59
C SER A 182 17.39 -44.51 -13.37
N GLY A 183 17.64 -44.13 -12.11
CA GLY A 183 17.97 -42.77 -11.77
C GLY A 183 16.74 -41.88 -11.60
N LEU A 184 15.55 -42.41 -11.84
CA LEU A 184 14.30 -41.70 -11.77
C LEU A 184 13.61 -42.01 -10.43
N TYR A 185 12.64 -41.18 -10.09
CA TYR A 185 11.91 -41.32 -8.84
C TYR A 185 10.55 -41.97 -9.09
N SER A 186 9.91 -42.39 -8.00
CA SER A 186 8.62 -43.07 -8.09
C SER A 186 7.93 -42.97 -6.74
N LEU A 187 6.60 -42.90 -6.77
CA LEU A 187 5.85 -42.81 -5.52
C LEU A 187 4.44 -43.35 -5.74
N SER A 188 3.71 -43.51 -4.64
CA SER A 188 2.33 -43.96 -4.69
C SER A 188 1.53 -43.19 -3.65
N SER A 189 0.34 -42.75 -4.02
CA SER A 189 -0.56 -42.06 -3.11
C SER A 189 -1.84 -42.87 -2.99
N VAL A 190 -2.19 -43.25 -1.76
CA VAL A 190 -3.37 -44.08 -1.51
C VAL A 190 -4.34 -43.30 -0.62
N VAL A 191 -5.56 -43.79 -0.55
CA VAL A 191 -6.57 -43.23 0.33
C VAL A 191 -7.58 -44.32 0.66
N THR A 192 -7.99 -44.35 1.93
CA THR A 192 -9.00 -45.28 2.42
C THR A 192 -10.33 -44.54 2.50
N VAL A 193 -11.32 -45.03 1.77
CA VAL A 193 -12.61 -44.36 1.63
C VAL A 193 -13.71 -45.37 1.96
N PRO A 194 -14.91 -44.90 2.29
CA PRO A 194 -16.03 -45.83 2.47
C PRO A 194 -16.33 -46.60 1.20
N SER A 195 -16.69 -47.87 1.36
CA SER A 195 -17.06 -48.70 0.22
C SER A 195 -18.39 -48.29 -0.40
N SER A 196 -19.25 -47.61 0.37
CA SER A 196 -20.54 -47.18 -0.15
C SER A 196 -20.38 -46.14 -1.26
N SER A 197 -19.35 -45.29 -1.18
CA SER A 197 -19.13 -44.23 -2.14
C SER A 197 -18.34 -44.67 -3.36
N LEU A 198 -18.00 -45.97 -3.46
CA LEU A 198 -17.16 -46.44 -4.56
C LEU A 198 -17.82 -46.20 -5.91
N GLY A 199 -19.07 -46.64 -6.07
CA GLY A 199 -19.80 -46.45 -7.30
C GLY A 199 -20.55 -45.16 -7.41
N THR A 200 -20.47 -44.30 -6.39
CA THR A 200 -21.25 -43.07 -6.35
C THR A 200 -20.42 -41.80 -6.44
N GLN A 201 -19.18 -41.82 -5.93
CA GLN A 201 -18.33 -40.64 -5.89
C GLN A 201 -17.12 -40.83 -6.79
N THR A 202 -16.85 -39.83 -7.64
CA THR A 202 -15.67 -39.87 -8.49
C THR A 202 -14.41 -39.60 -7.68
N TYR A 203 -13.33 -40.28 -8.03
CA TYR A 203 -12.06 -40.18 -7.32
C TYR A 203 -10.96 -39.86 -8.32
N ILE A 204 -10.45 -38.63 -8.27
CA ILE A 204 -9.43 -38.15 -9.19
C ILE A 204 -8.21 -37.73 -8.38
N CYS A 205 -7.05 -38.26 -8.75
CA CYS A 205 -5.80 -37.81 -8.18
C CYS A 205 -5.19 -36.74 -9.09
N ASN A 206 -4.73 -35.67 -8.48
CA ASN A 206 -4.09 -34.55 -9.17
C ASN A 206 -2.60 -34.62 -8.85
N VAL A 207 -1.79 -34.86 -9.88
CA VAL A 207 -0.35 -35.04 -9.75
C VAL A 207 0.32 -33.87 -10.45
N ASN A 208 1.09 -33.07 -9.71
CA ASN A 208 1.76 -31.91 -10.27
C ASN A 208 3.26 -32.09 -10.14
N HIS A 209 3.97 -31.88 -11.25
CA HIS A 209 5.44 -31.94 -11.34
C HIS A 209 5.88 -30.62 -11.96
N LYS A 210 6.23 -29.66 -11.10
CA LYS A 210 6.69 -28.36 -11.60
C LYS A 210 7.97 -28.43 -12.42
N PRO A 211 9.01 -29.18 -12.02
CA PRO A 211 10.26 -29.15 -12.81
C PRO A 211 10.08 -29.49 -14.28
N SER A 212 9.15 -30.39 -14.62
CA SER A 212 8.84 -30.69 -16.01
C SER A 212 7.58 -29.97 -16.48
N ASN A 213 6.99 -29.13 -15.65
CA ASN A 213 5.77 -28.39 -15.98
C ASN A 213 4.68 -29.33 -16.50
N THR A 214 4.44 -30.40 -15.76
CA THR A 214 3.48 -31.43 -16.16
C THR A 214 2.51 -31.69 -15.02
N LYS A 215 1.22 -31.43 -15.25
CA LYS A 215 0.18 -31.72 -14.28
C LYS A 215 -0.82 -32.68 -14.92
N VAL A 216 -1.06 -33.80 -14.25
CA VAL A 216 -1.89 -34.89 -14.76
C VAL A 216 -2.97 -35.20 -13.74
N ASP A 217 -4.22 -35.25 -14.19
CA ASP A 217 -5.33 -35.72 -13.37
C ASP A 217 -5.76 -37.09 -13.86
N LYS A 218 -6.11 -37.97 -12.91
CA LYS A 218 -6.45 -39.34 -13.27
C LYS A 218 -7.59 -39.85 -12.39
N ARG A 219 -8.61 -40.40 -13.04
CA ARG A 219 -9.75 -40.98 -12.34
C ARG A 219 -9.48 -42.46 -12.10
N VAL A 220 -9.68 -42.89 -10.85
CA VAL A 220 -9.54 -44.30 -10.47
C VAL A 220 -10.92 -44.84 -10.14
N GLU A 221 -11.28 -45.95 -10.77
CA GLU A 221 -12.58 -46.56 -10.60
C GLU A 221 -12.40 -48.07 -10.48
N PRO A 222 -13.30 -48.75 -9.77
CA PRO A 222 -13.18 -50.21 -9.64
C PRO A 222 -13.22 -50.88 -11.01
N LYS A 223 -12.34 -51.86 -11.21
CA LYS A 223 -12.19 -52.50 -12.50
C LYS A 223 -13.44 -53.32 -12.82
N SER A 224 -13.85 -53.28 -14.09
CA SER A 224 -15.00 -54.04 -14.56
C SER A 224 -15.02 -54.11 -16.08
N ASP B 1 31.97 -18.08 14.30
CA ASP B 1 30.68 -18.75 14.36
C ASP B 1 30.46 -19.40 15.71
N ILE B 2 29.21 -19.42 16.17
CA ILE B 2 28.83 -20.04 17.42
C ILE B 2 28.30 -21.44 17.10
N GLN B 3 29.05 -22.47 17.49
CA GLN B 3 28.64 -23.85 17.23
C GLN B 3 27.57 -24.25 18.22
N MET B 4 26.40 -24.64 17.71
CA MET B 4 25.24 -24.96 18.53
C MET B 4 24.98 -26.45 18.49
N THR B 5 24.99 -27.08 19.68
CA THR B 5 24.77 -28.51 19.80
C THR B 5 23.39 -28.76 20.41
N GLN B 6 22.67 -29.71 19.83
CA GLN B 6 21.33 -30.05 20.29
C GLN B 6 21.32 -31.47 20.81
N SER B 7 20.64 -31.68 21.95
CA SER B 7 20.60 -33.01 22.55
C SER B 7 19.28 -33.24 23.27
N PRO B 8 18.65 -34.40 23.11
CA PRO B 8 19.07 -35.56 22.32
C PRO B 8 18.93 -35.33 20.82
N SER B 9 19.45 -36.24 19.99
CA SER B 9 19.21 -36.13 18.56
C SER B 9 17.85 -36.68 18.16
N SER B 10 17.31 -37.61 18.94
CA SER B 10 16.02 -38.22 18.67
C SER B 10 15.49 -38.82 19.96
N LEU B 11 14.25 -38.47 20.33
CA LEU B 11 13.66 -38.97 21.55
C LEU B 11 12.31 -39.61 21.24
N SER B 12 12.03 -40.72 21.91
CA SER B 12 10.74 -41.39 21.85
C SER B 12 10.05 -41.24 23.19
N ALA B 13 8.79 -40.79 23.17
CA ALA B 13 8.06 -40.55 24.42
C ALA B 13 6.57 -40.66 24.14
N SER B 14 5.80 -40.83 25.22
CA SER B 14 4.38 -41.11 25.14
C SER B 14 3.55 -39.84 25.32
N VAL B 15 2.28 -39.93 24.93
CA VAL B 15 1.36 -38.83 25.15
C VAL B 15 1.18 -38.58 26.65
N GLY B 16 0.99 -37.32 27.01
CA GLY B 16 0.89 -36.94 28.41
C GLY B 16 2.18 -37.19 29.16
N ASP B 17 3.28 -36.61 28.69
CA ASP B 17 4.59 -36.83 29.27
C ASP B 17 5.41 -35.56 29.12
N ARG B 18 6.28 -35.31 30.10
CA ARG B 18 7.16 -34.14 30.07
C ARG B 18 8.42 -34.46 29.27
N VAL B 19 8.73 -33.61 28.30
CA VAL B 19 9.84 -33.83 27.39
C VAL B 19 10.71 -32.58 27.36
N THR B 20 12.02 -32.76 27.53
CA THR B 20 12.95 -31.63 27.59
C THR B 20 14.08 -31.85 26.60
N ILE B 21 14.19 -30.95 25.62
CA ILE B 21 15.30 -30.90 24.68
C ILE B 21 16.23 -29.79 25.11
N THR B 22 17.52 -29.92 24.78
CA THR B 22 18.55 -29.02 25.27
C THR B 22 19.37 -28.48 24.11
N CYS B 23 19.77 -27.22 24.23
CA CYS B 23 20.63 -26.56 23.25
C CYS B 23 21.79 -25.92 23.98
N ARG B 24 23.01 -26.20 23.52
CA ARG B 24 24.23 -25.66 24.11
C ARG B 24 24.97 -24.83 23.06
N ALA B 25 25.61 -23.76 23.50
CA ALA B 25 26.27 -22.82 22.61
C ALA B 25 27.76 -22.75 22.96
N SER B 26 28.59 -22.60 21.91
CA SER B 26 30.04 -22.52 22.10
C SER B 26 30.44 -21.27 22.88
N GLN B 27 29.63 -20.22 22.80
CA GLN B 27 29.82 -19.00 23.58
C GLN B 27 28.49 -18.65 24.23
N SER B 28 28.44 -17.51 24.90
CA SER B 28 27.23 -17.06 25.56
C SER B 28 26.41 -16.24 24.56
N ILE B 29 25.19 -16.67 24.29
CA ILE B 29 24.31 -15.99 23.34
C ILE B 29 23.25 -15.14 24.03
N ARG B 30 23.34 -14.97 25.35
CA ARG B 30 22.39 -14.18 26.14
C ARG B 30 21.00 -14.77 25.93
N SER B 31 19.96 -13.94 25.80
CA SER B 31 18.61 -14.43 25.58
C SER B 31 18.31 -14.68 24.11
N ASN B 32 19.31 -14.53 23.23
CA ASN B 32 19.09 -14.58 21.78
C ASN B 32 19.11 -16.03 21.29
N LEU B 33 18.11 -16.78 21.73
CA LEU B 33 17.90 -18.14 21.25
C LEU B 33 16.42 -18.35 20.97
N ASN B 34 16.12 -18.92 19.80
CA ASN B 34 14.77 -19.21 19.39
C ASN B 34 14.62 -20.71 19.15
N TRP B 35 13.39 -21.19 19.28
CA TRP B 35 13.05 -22.60 19.08
C TRP B 35 12.05 -22.70 17.93
N TYR B 36 12.32 -23.62 17.00
CA TYR B 36 11.50 -23.82 15.82
C TYR B 36 11.03 -25.28 15.75
N GLN B 37 9.86 -25.46 15.16
CA GLN B 37 9.22 -26.77 14.99
C GLN B 37 8.98 -27.02 13.51
N GLN B 38 9.73 -27.95 12.92
CA GLN B 38 9.53 -28.37 11.54
C GLN B 38 8.72 -29.66 11.53
N LYS B 39 7.52 -29.60 10.96
CA LYS B 39 6.60 -30.70 10.71
C LYS B 39 6.76 -31.17 9.28
N PRO B 40 6.60 -32.48 9.04
CA PRO B 40 6.98 -33.04 7.73
C PRO B 40 6.27 -32.35 6.57
N GLY B 41 7.04 -32.08 5.51
CA GLY B 41 6.49 -31.44 4.33
C GLY B 41 6.14 -29.99 4.51
N LYS B 42 6.75 -29.31 5.48
CA LYS B 42 6.40 -27.93 5.78
C LYS B 42 7.64 -27.18 6.24
N ALA B 43 7.54 -25.86 6.20
CA ALA B 43 8.62 -25.01 6.66
C ALA B 43 8.71 -25.03 8.18
N PRO B 44 9.86 -24.67 8.74
CA PRO B 44 9.96 -24.55 10.20
C PRO B 44 9.00 -23.48 10.72
N ASN B 45 8.54 -23.69 11.95
CA ASN B 45 7.60 -22.79 12.61
C ASN B 45 8.13 -22.44 14.00
N VAL B 46 8.16 -21.15 14.31
CA VAL B 46 8.69 -20.68 15.59
C VAL B 46 7.69 -20.97 16.70
N LEU B 47 8.20 -21.43 17.84
CA LEU B 47 7.39 -21.65 19.04
C LEU B 47 7.77 -20.71 20.18
N ILE B 48 9.07 -20.52 20.41
CA ILE B 48 9.56 -19.72 21.53
C ILE B 48 10.71 -18.86 21.03
N TYR B 49 10.67 -17.57 21.34
CA TYR B 49 11.77 -16.66 21.09
C TYR B 49 12.18 -16.00 22.41
N ALA B 50 13.32 -15.29 22.37
CA ALA B 50 13.86 -14.60 23.54
C ALA B 50 14.05 -15.56 24.72
N THR B 51 14.30 -16.83 24.40
CA THR B 51 14.65 -17.92 25.31
C THR B 51 13.46 -18.37 26.16
N SER B 52 12.45 -17.53 26.30
CA SER B 52 11.25 -17.94 27.04
C SER B 52 9.95 -17.40 26.49
N SER B 53 9.97 -16.39 25.62
CA SER B 53 8.74 -15.75 25.19
C SER B 53 8.00 -16.65 24.20
N LEU B 54 6.72 -16.87 24.48
CA LEU B 54 5.89 -17.75 23.67
C LEU B 54 5.30 -17.01 22.48
N GLN B 55 5.34 -17.64 21.32
CA GLN B 55 4.85 -17.03 20.09
C GLN B 55 3.33 -17.12 20.03
N SER B 56 2.73 -16.12 19.37
CA SER B 56 1.27 -16.02 19.28
C SER B 56 0.66 -17.30 18.74
N GLY B 57 -0.36 -17.78 19.44
CA GLY B 57 -1.09 -18.96 19.00
C GLY B 57 -0.49 -20.28 19.43
N VAL B 58 0.82 -20.30 19.63
CA VAL B 58 1.52 -21.55 19.96
C VAL B 58 1.00 -22.07 21.29
N PRO B 59 0.79 -23.38 21.45
CA PRO B 59 0.23 -23.90 22.71
C PRO B 59 1.05 -23.53 23.93
N SER B 60 0.39 -23.54 25.09
CA SER B 60 1.02 -23.17 26.35
C SER B 60 1.85 -24.28 26.96
N ARG B 61 1.78 -25.51 26.43
CA ARG B 61 2.61 -26.58 26.96
C ARG B 61 4.08 -26.40 26.60
N PHE B 62 4.39 -25.49 25.69
CA PHE B 62 5.77 -25.24 25.29
C PHE B 62 6.36 -24.14 26.15
N SER B 63 7.51 -24.42 26.76
CA SER B 63 8.19 -23.48 27.64
C SER B 63 9.69 -23.48 27.34
N GLY B 64 10.31 -22.32 27.49
CA GLY B 64 11.72 -22.19 27.25
C GLY B 64 12.42 -21.58 28.44
N SER B 65 13.68 -21.94 28.61
CA SER B 65 14.46 -21.41 29.72
C SER B 65 15.95 -21.55 29.38
N GLY B 66 16.79 -21.02 30.26
CA GLY B 66 18.22 -21.08 30.11
C GLY B 66 18.82 -19.71 29.93
N SER B 67 20.15 -19.68 29.89
CA SER B 67 20.86 -18.41 29.74
C SER B 67 22.33 -18.61 29.42
N GLY B 68 22.83 -17.91 28.41
CA GLY B 68 24.25 -17.96 28.11
C GLY B 68 24.60 -19.12 27.20
N THR B 69 25.05 -20.22 27.79
CA THR B 69 25.48 -21.39 27.06
C THR B 69 24.40 -22.46 26.96
N ASP B 70 23.67 -22.73 28.04
CA ASP B 70 22.73 -23.83 28.08
C ASP B 70 21.29 -23.33 28.15
N PHE B 71 20.43 -23.95 27.34
CA PHE B 71 19.03 -23.59 27.24
C PHE B 71 18.22 -24.87 27.08
N THR B 72 16.94 -24.80 27.46
CA THR B 72 16.07 -25.97 27.45
C THR B 72 14.68 -25.61 26.94
N LEU B 73 14.11 -26.53 26.16
CA LEU B 73 12.73 -26.49 25.69
C LEU B 73 11.96 -27.63 26.35
N THR B 74 10.82 -27.30 26.95
CA THR B 74 10.03 -28.25 27.72
C THR B 74 8.60 -28.29 27.17
N ILE B 75 8.13 -29.50 26.89
CA ILE B 75 6.73 -29.76 26.53
C ILE B 75 6.13 -30.55 27.68
N ARG B 76 5.13 -29.96 28.35
CA ARG B 76 4.60 -30.56 29.57
C ARG B 76 3.76 -31.79 29.26
N SER B 77 2.71 -31.63 28.49
CA SER B 77 1.83 -32.75 28.12
C SER B 77 2.00 -32.99 26.63
N LEU B 78 2.76 -34.03 26.29
CA LEU B 78 2.93 -34.40 24.88
C LEU B 78 1.57 -34.70 24.25
N GLN B 79 1.41 -34.25 23.01
CA GLN B 79 0.21 -34.51 22.24
C GLN B 79 0.62 -35.03 20.87
N PRO B 80 -0.24 -35.80 20.20
CA PRO B 80 0.17 -36.39 18.92
C PRO B 80 0.56 -35.38 17.86
N GLU B 81 0.04 -34.15 17.94
CA GLU B 81 0.37 -33.12 16.97
C GLU B 81 1.79 -32.60 17.13
N ASP B 82 2.49 -32.98 18.20
CA ASP B 82 3.84 -32.48 18.47
C ASP B 82 4.93 -33.32 17.81
N PHE B 83 4.56 -34.30 16.99
CA PHE B 83 5.54 -35.07 16.21
C PHE B 83 6.21 -34.13 15.22
N ALA B 84 7.49 -33.84 15.43
CA ALA B 84 8.22 -32.94 14.55
C ALA B 84 9.70 -32.96 14.94
N THR B 85 10.50 -32.26 14.14
CA THR B 85 11.90 -32.00 14.46
C THR B 85 12.02 -30.59 15.01
N TYR B 86 12.81 -30.44 16.08
CA TYR B 86 12.92 -29.18 16.80
C TYR B 86 14.34 -28.65 16.65
N TYR B 87 14.45 -27.38 16.27
CA TYR B 87 15.73 -26.74 16.00
C TYR B 87 15.89 -25.52 16.90
N CYS B 88 17.11 -25.26 17.36
CA CYS B 88 17.42 -24.06 18.10
C CYS B 88 18.32 -23.15 17.26
N GLN B 89 18.06 -21.85 17.32
CA GLN B 89 18.76 -20.86 16.49
C GLN B 89 19.21 -19.69 17.34
N GLN B 90 20.48 -19.29 17.18
CA GLN B 90 21.02 -18.15 17.89
C GLN B 90 20.73 -16.86 17.13
N SER B 91 20.16 -15.88 17.84
CA SER B 91 19.90 -14.55 17.29
C SER B 91 20.92 -13.53 17.75
N TYR B 92 22.05 -13.99 18.31
CA TYR B 92 23.01 -13.10 18.92
C TYR B 92 23.94 -12.47 17.89
N SER B 93 24.68 -13.29 17.16
CA SER B 93 25.68 -12.80 16.22
C SER B 93 25.50 -13.46 14.86
N LEU B 94 25.79 -12.70 13.82
CA LEU B 94 25.74 -13.13 12.43
C LEU B 94 27.09 -13.70 12.01
N PRO B 95 27.15 -14.88 11.40
CA PRO B 95 26.04 -15.68 10.87
C PRO B 95 25.17 -16.34 11.93
N TRP B 96 23.86 -16.37 11.69
CA TRP B 96 22.93 -17.03 12.60
C TRP B 96 23.03 -18.53 12.39
N THR B 97 23.38 -19.26 13.45
CA THR B 97 23.59 -20.69 13.37
C THR B 97 22.45 -21.44 14.03
N PHE B 98 22.06 -22.57 13.46
CA PHE B 98 20.98 -23.39 13.96
C PHE B 98 21.53 -24.64 14.64
N GLY B 99 20.65 -25.30 15.39
CA GLY B 99 20.99 -26.59 15.96
C GLY B 99 20.89 -27.70 14.95
N GLN B 100 21.16 -28.91 15.40
CA GLN B 100 21.12 -30.08 14.54
C GLN B 100 19.74 -30.69 14.42
N GLY B 101 18.88 -30.47 15.39
CA GLY B 101 17.52 -30.96 15.34
C GLY B 101 17.30 -32.10 16.33
N THR B 102 16.06 -32.19 16.81
CA THR B 102 15.65 -33.27 17.71
C THR B 102 14.30 -33.77 17.26
N LYS B 103 14.21 -35.05 16.89
CA LYS B 103 12.97 -35.61 16.37
C LYS B 103 12.19 -36.21 17.52
N VAL B 104 10.93 -35.79 17.67
CA VAL B 104 10.06 -36.29 18.73
C VAL B 104 9.06 -37.25 18.11
N GLU B 105 9.18 -38.52 18.46
CA GLU B 105 8.25 -39.56 18.06
C GLU B 105 7.40 -39.97 19.26
N ILE B 106 6.10 -40.19 19.00
CA ILE B 106 5.09 -40.37 20.04
C ILE B 106 4.85 -41.87 20.23
N LYS B 107 5.14 -42.40 21.43
CA LYS B 107 4.91 -43.82 21.73
C LYS B 107 3.43 -43.97 21.95
N ARG B 108 2.88 -45.10 21.48
CA ARG B 108 1.44 -45.25 21.23
C ARG B 108 1.09 -46.72 21.51
N THR B 109 -0.21 -46.99 21.72
CA THR B 109 -0.69 -48.36 21.82
C THR B 109 -0.48 -49.10 20.50
N VAL B 110 -0.15 -50.39 20.60
CA VAL B 110 0.12 -51.20 19.42
C VAL B 110 -1.12 -51.27 18.52
N ALA B 111 -0.94 -50.93 17.25
CA ALA B 111 -2.02 -50.87 16.28
C ALA B 111 -1.72 -51.81 15.12
N ALA B 112 -2.76 -52.54 14.69
CA ALA B 112 -2.49 -53.54 13.66
C ALA B 112 -2.64 -52.91 12.27
N PRO B 113 -1.81 -53.33 11.32
CA PRO B 113 -1.94 -52.80 9.96
C PRO B 113 -3.15 -53.37 9.25
N SER B 114 -3.76 -52.55 8.40
CA SER B 114 -4.80 -52.99 7.48
C SER B 114 -4.16 -53.20 6.11
N VAL B 115 -4.02 -54.46 5.71
CA VAL B 115 -3.26 -54.81 4.51
C VAL B 115 -4.18 -54.90 3.30
N PHE B 116 -3.83 -54.19 2.24
CA PHE B 116 -4.54 -54.20 0.98
C PHE B 116 -3.56 -54.61 -0.13
N ILE B 117 -4.10 -55.19 -1.19
CA ILE B 117 -3.29 -55.62 -2.33
C ILE B 117 -3.88 -55.04 -3.61
N PHE B 118 -3.00 -54.55 -4.49
CA PHE B 118 -3.37 -53.90 -5.73
C PHE B 118 -2.69 -54.60 -6.90
N PRO B 119 -3.45 -55.23 -7.78
CA PRO B 119 -2.89 -55.85 -8.98
C PRO B 119 -2.42 -54.80 -9.97
N PRO B 120 -1.55 -55.17 -10.90
CA PRO B 120 -1.10 -54.21 -11.91
C PRO B 120 -2.25 -53.69 -12.77
N SER B 121 -2.13 -52.44 -13.19
CA SER B 121 -3.10 -51.84 -14.09
C SER B 121 -2.81 -52.22 -15.54
N ASP B 122 -3.87 -52.47 -16.30
CA ASP B 122 -3.71 -52.79 -17.72
C ASP B 122 -3.03 -51.66 -18.46
N GLU B 123 -3.25 -50.42 -18.03
CA GLU B 123 -2.55 -49.28 -18.62
C GLU B 123 -1.04 -49.42 -18.44
N GLN B 124 -0.60 -49.81 -17.24
CA GLN B 124 0.81 -50.07 -17.01
C GLN B 124 1.26 -51.36 -17.68
N LEU B 125 0.38 -52.38 -17.70
CA LEU B 125 0.71 -53.64 -18.35
C LEU B 125 0.93 -53.45 -19.85
N LYS B 126 0.41 -52.38 -20.43
CA LYS B 126 0.62 -52.05 -21.83
C LYS B 126 1.94 -51.31 -22.07
N SER B 127 2.83 -51.27 -21.07
CA SER B 127 4.12 -50.61 -21.21
C SER B 127 5.28 -51.56 -20.93
N GLY B 128 5.01 -52.85 -20.74
CA GLY B 128 6.06 -53.83 -20.47
C GLY B 128 6.41 -53.99 -19.00
N THR B 129 5.80 -53.22 -18.11
CA THR B 129 6.09 -53.26 -16.68
C THR B 129 4.81 -53.53 -15.91
N ALA B 130 4.94 -54.27 -14.81
CA ALA B 130 3.82 -54.57 -13.92
C ALA B 130 4.25 -54.22 -12.50
N SER B 131 3.50 -53.32 -11.86
CA SER B 131 3.78 -52.92 -10.48
C SER B 131 2.63 -53.42 -9.60
N VAL B 132 2.96 -54.21 -8.58
CA VAL B 132 1.99 -54.78 -7.65
C VAL B 132 2.19 -54.10 -6.31
N VAL B 133 1.15 -53.46 -5.78
CA VAL B 133 1.33 -52.62 -4.59
C VAL B 133 0.63 -53.25 -3.40
N CYS B 134 1.37 -53.44 -2.31
CA CYS B 134 0.81 -53.94 -1.06
C CYS B 134 0.89 -52.82 -0.03
N LEU B 135 -0.24 -52.50 0.59
CA LEU B 135 -0.39 -51.31 1.43
C LEU B 135 -0.73 -51.72 2.85
N LEU B 136 0.10 -51.27 3.80
CA LEU B 136 -0.20 -51.38 5.22
C LEU B 136 -0.65 -50.00 5.70
N ASN B 137 -1.84 -49.92 6.29
CA ASN B 137 -2.53 -48.64 6.36
C ASN B 137 -2.18 -47.82 7.60
N ASN B 138 -2.43 -48.35 8.79
CA ASN B 138 -2.24 -47.55 10.00
C ASN B 138 -1.79 -48.47 11.12
N PHE B 139 -0.48 -48.46 11.41
CA PHE B 139 0.09 -49.37 12.39
C PHE B 139 1.10 -48.63 13.25
N TYR B 140 1.36 -49.21 14.42
CA TYR B 140 2.40 -48.79 15.32
C TYR B 140 2.73 -50.06 16.11
N PRO B 141 4.01 -50.41 16.26
CA PRO B 141 5.24 -49.68 15.89
C PRO B 141 5.54 -49.67 14.39
N ARG B 142 6.58 -48.93 14.00
CA ARG B 142 6.97 -48.86 12.59
C ARG B 142 7.45 -50.20 12.07
N GLU B 143 8.15 -50.96 12.90
CA GLU B 143 8.74 -52.22 12.45
C GLU B 143 7.66 -53.16 11.93
N ALA B 144 7.83 -53.62 10.68
CA ALA B 144 6.87 -54.53 10.05
C ALA B 144 7.57 -55.20 8.88
N LYS B 145 7.14 -56.43 8.57
CA LYS B 145 7.75 -57.17 7.47
C LYS B 145 6.70 -57.52 6.42
N VAL B 146 7.07 -57.32 5.16
CA VAL B 146 6.24 -57.63 3.99
C VAL B 146 7.02 -58.57 3.10
N GLN B 147 6.67 -59.86 3.12
CA GLN B 147 7.27 -60.89 2.28
C GLN B 147 6.39 -61.12 1.05
N TRP B 148 6.97 -60.98 -0.14
CA TRP B 148 6.23 -61.17 -1.38
C TRP B 148 6.37 -62.62 -1.83
N LYS B 149 5.27 -63.18 -2.33
CA LYS B 149 5.22 -64.57 -2.76
C LYS B 149 4.53 -64.64 -4.12
N VAL B 150 5.29 -64.98 -5.16
CA VAL B 150 4.78 -65.17 -6.50
C VAL B 150 4.76 -66.66 -6.77
N ASP B 151 3.56 -67.24 -6.89
CA ASP B 151 3.37 -68.69 -6.99
C ASP B 151 4.05 -69.41 -5.83
N ASN B 152 3.82 -68.90 -4.62
CA ASN B 152 4.38 -69.44 -3.39
C ASN B 152 5.90 -69.48 -3.40
N ALA B 153 6.53 -68.66 -4.24
CA ALA B 153 7.98 -68.56 -4.29
C ALA B 153 8.40 -67.29 -3.57
N LEU B 154 9.24 -67.43 -2.54
CA LEU B 154 9.67 -66.28 -1.76
C LEU B 154 10.50 -65.34 -2.63
N GLN B 155 10.08 -64.07 -2.70
CA GLN B 155 10.70 -63.10 -3.58
C GLN B 155 11.69 -62.24 -2.81
N SER B 156 12.68 -61.72 -3.55
CA SER B 156 13.69 -60.84 -2.98
C SER B 156 14.35 -60.08 -4.12
N GLY B 157 14.87 -58.90 -3.80
CA GLY B 157 15.56 -58.07 -4.77
C GLY B 157 14.67 -57.40 -5.79
N ASN B 158 13.36 -57.61 -5.72
CA ASN B 158 12.41 -57.02 -6.66
C ASN B 158 11.38 -56.14 -5.97
N SER B 159 11.53 -55.89 -4.67
CA SER B 159 10.57 -55.12 -3.90
C SER B 159 11.17 -53.78 -3.49
N GLN B 160 10.30 -52.83 -3.17
CA GLN B 160 10.77 -51.52 -2.72
C GLN B 160 9.70 -50.93 -1.81
N GLU B 161 10.07 -50.63 -0.56
CA GLU B 161 9.12 -50.19 0.44
C GLU B 161 9.27 -48.70 0.73
N SER B 162 8.17 -48.10 1.19
CA SER B 162 8.17 -46.70 1.58
C SER B 162 7.22 -46.48 2.74
N VAL B 163 7.70 -45.83 3.81
CA VAL B 163 6.93 -45.65 5.03
C VAL B 163 6.65 -44.16 5.23
N THR B 164 5.40 -43.84 5.58
CA THR B 164 5.01 -42.46 5.85
C THR B 164 5.56 -42.01 7.19
N GLU B 165 5.47 -40.70 7.42
CA GLU B 165 5.82 -40.14 8.71
C GLU B 165 4.64 -40.26 9.67
N GLN B 166 4.92 -40.18 10.97
CA GLN B 166 3.89 -40.40 11.96
C GLN B 166 2.74 -39.41 11.78
N ASP B 167 1.52 -39.93 11.82
CA ASP B 167 0.35 -39.07 11.76
C ASP B 167 0.28 -38.17 12.99
N SER B 168 -0.22 -36.96 12.80
CA SER B 168 -0.35 -36.03 13.92
C SER B 168 -1.63 -36.24 14.70
N LYS B 169 -2.47 -37.21 14.30
CA LYS B 169 -3.69 -37.54 15.01
C LYS B 169 -3.72 -38.96 15.52
N ASP B 170 -3.34 -39.94 14.70
CA ASP B 170 -3.31 -41.34 15.10
C ASP B 170 -1.95 -41.78 15.63
N SER B 171 -0.90 -41.01 15.37
CA SER B 171 0.48 -41.41 15.69
C SER B 171 0.82 -42.76 15.07
N THR B 172 0.25 -43.05 13.90
CA THR B 172 0.42 -44.32 13.22
C THR B 172 1.23 -44.12 11.95
N TYR B 173 1.78 -45.23 11.45
CA TYR B 173 2.57 -45.25 10.23
C TYR B 173 1.84 -46.01 9.14
N SER B 174 2.29 -45.83 7.91
CA SER B 174 1.78 -46.57 6.76
C SER B 174 2.96 -46.97 5.88
N LEU B 175 2.82 -48.12 5.22
CA LEU B 175 3.89 -48.65 4.38
C LEU B 175 3.32 -49.05 3.03
N SER B 176 4.16 -48.92 2.01
CA SER B 176 3.79 -49.30 0.64
C SER B 176 4.96 -50.10 0.08
N SER B 177 4.76 -51.40 -0.08
CA SER B 177 5.73 -52.26 -0.74
C SER B 177 5.31 -52.44 -2.18
N THR B 178 6.25 -52.21 -3.11
CA THR B 178 5.96 -52.35 -4.52
C THR B 178 6.82 -53.47 -5.09
N LEU B 179 6.17 -54.47 -5.66
CA LEU B 179 6.81 -55.54 -6.40
C LEU B 179 6.77 -55.20 -7.88
N THR B 180 7.93 -54.92 -8.46
CA THR B 180 8.05 -54.52 -9.86
C THR B 180 8.54 -55.71 -10.67
N LEU B 181 7.69 -56.23 -11.54
CA LEU B 181 8.02 -57.35 -12.40
C LEU B 181 7.91 -56.91 -13.85
N SER B 182 8.64 -57.58 -14.73
CA SER B 182 8.44 -57.36 -16.15
C SER B 182 7.07 -57.89 -16.55
N LYS B 183 6.49 -57.31 -17.61
CA LYS B 183 5.16 -57.73 -18.03
C LYS B 183 5.13 -59.20 -18.41
N ALA B 184 6.14 -59.67 -19.14
CA ALA B 184 6.20 -61.08 -19.49
C ALA B 184 6.25 -61.95 -18.25
N ASP B 185 7.13 -61.60 -17.30
CA ASP B 185 7.23 -62.37 -16.07
C ASP B 185 5.93 -62.36 -15.29
N TYR B 186 5.26 -61.20 -15.25
CA TYR B 186 3.96 -61.12 -14.58
C TYR B 186 2.93 -62.02 -15.26
N GLU B 187 2.97 -62.09 -16.59
CA GLU B 187 2.01 -62.90 -17.34
C GLU B 187 2.38 -64.38 -17.36
N LYS B 188 3.48 -64.77 -16.70
CA LYS B 188 3.86 -66.17 -16.62
C LYS B 188 3.30 -66.86 -15.37
N HIS B 189 3.16 -66.12 -14.26
CA HIS B 189 2.70 -66.67 -12.99
C HIS B 189 1.27 -66.21 -12.70
N LYS B 190 0.63 -66.87 -11.75
CA LYS B 190 -0.78 -66.63 -11.47
C LYS B 190 -1.06 -66.12 -10.06
N VAL B 191 -0.40 -66.67 -9.04
CA VAL B 191 -0.70 -66.36 -7.65
C VAL B 191 0.27 -65.28 -7.16
N TYR B 192 -0.27 -64.15 -6.71
CA TYR B 192 0.57 -63.10 -6.14
C TYR B 192 0.04 -62.76 -4.76
N ALA B 193 0.95 -62.68 -3.78
CA ALA B 193 0.50 -62.43 -2.42
C ALA B 193 1.57 -61.66 -1.65
N CYS B 194 1.12 -60.79 -0.76
CA CYS B 194 2.01 -60.15 0.20
C CYS B 194 1.63 -60.59 1.61
N GLU B 195 2.62 -61.06 2.36
CA GLU B 195 2.46 -61.58 3.71
C GLU B 195 3.07 -60.57 4.68
N VAL B 196 2.31 -60.20 5.70
CA VAL B 196 2.64 -59.10 6.59
C VAL B 196 2.73 -59.64 8.01
N THR B 197 3.84 -59.34 8.67
CA THR B 197 4.00 -59.63 10.09
C THR B 197 4.25 -58.34 10.85
N HIS B 198 3.61 -58.22 12.01
CA HIS B 198 3.64 -57.00 12.80
C HIS B 198 3.36 -57.34 14.26
N GLN B 199 3.81 -56.45 15.15
CA GLN B 199 3.63 -56.64 16.59
C GLN B 199 2.16 -56.70 17.00
N GLY B 200 1.27 -56.10 16.21
CA GLY B 200 -0.15 -56.14 16.44
C GLY B 200 -0.88 -57.28 15.75
N LEU B 201 -0.16 -58.19 15.12
CA LEU B 201 -0.75 -59.34 14.43
C LEU B 201 -0.27 -60.62 15.10
N SER B 202 -1.21 -61.39 15.63
CA SER B 202 -0.84 -62.65 16.28
C SER B 202 -0.47 -63.72 15.26
N SER B 203 -1.06 -63.69 14.08
CA SER B 203 -0.69 -64.57 12.99
C SER B 203 -0.41 -63.73 11.75
N PRO B 204 0.56 -64.14 10.92
CA PRO B 204 0.87 -63.36 9.72
C PRO B 204 -0.34 -63.25 8.80
N VAL B 205 -0.61 -62.02 8.34
CA VAL B 205 -1.75 -61.76 7.45
C VAL B 205 -1.26 -61.81 6.01
N THR B 206 -1.92 -62.59 5.18
CA THR B 206 -1.49 -62.75 3.79
C THR B 206 -2.62 -62.30 2.86
N LYS B 207 -2.41 -61.19 2.16
CA LYS B 207 -3.37 -60.77 1.14
C LYS B 207 -2.89 -61.26 -0.22
N SER B 208 -3.84 -61.58 -1.10
CA SER B 208 -3.48 -62.26 -2.33
C SER B 208 -4.48 -61.95 -3.44
N PHE B 209 -4.05 -62.24 -4.67
CA PHE B 209 -4.90 -62.15 -5.84
C PHE B 209 -4.34 -63.07 -6.93
N ASN B 210 -5.21 -63.39 -7.89
CA ASN B 210 -4.88 -64.30 -8.98
C ASN B 210 -5.12 -63.60 -10.32
N ARG B 211 -4.07 -63.48 -11.11
CA ARG B 211 -4.15 -63.02 -12.50
C ARG B 211 -2.74 -63.11 -13.07
N GLY B 212 -2.65 -62.94 -14.40
CA GLY B 212 -1.37 -63.00 -15.09
C GLY B 212 -1.24 -64.19 -16.03
N GLY C 23 25.94 8.64 5.07
CA GLY C 23 26.61 9.92 5.23
C GLY C 23 27.51 10.25 4.05
N GLN C 24 26.94 10.82 3.00
CA GLN C 24 27.70 11.07 1.78
C GLN C 24 28.73 12.17 1.98
N ARG C 25 28.28 13.38 2.30
CA ARG C 25 29.19 14.52 2.46
C ARG C 25 28.53 15.52 3.39
N LEU C 26 29.11 16.72 3.47
CA LEU C 26 28.56 17.76 4.34
C LEU C 26 27.22 18.25 3.80
N ILE C 27 26.23 18.31 4.68
CA ILE C 27 24.93 18.89 4.35
C ILE C 27 24.96 20.35 4.81
N GLU C 28 25.04 21.27 3.84
CA GLU C 28 25.17 22.68 4.17
C GLU C 28 23.80 23.30 4.40
N VAL C 29 23.70 24.12 5.44
CA VAL C 29 22.45 24.75 5.85
C VAL C 29 22.69 26.25 5.95
N SER C 30 22.07 27.02 5.06
CA SER C 30 22.13 28.48 5.08
C SER C 30 20.91 28.99 5.83
N VAL C 31 21.12 29.58 7.00
CA VAL C 31 20.00 30.01 7.83
C VAL C 31 20.00 31.53 7.90
N GLU C 32 18.81 32.11 8.02
CA GLU C 32 18.67 33.54 8.21
C GLU C 32 18.81 33.90 9.68
N GLU C 33 19.15 35.16 9.93
CA GLU C 33 19.41 35.62 11.29
C GLU C 33 18.15 35.53 12.15
N ASN C 34 18.31 34.98 13.36
CA ASN C 34 17.23 34.79 14.33
C ASN C 34 16.09 33.95 13.77
N HIS C 35 16.30 33.27 12.65
CA HIS C 35 15.35 32.40 11.99
C HIS C 35 15.59 30.96 12.44
N PRO C 36 14.52 30.19 12.65
CA PRO C 36 14.69 28.82 13.12
C PRO C 36 15.34 27.96 12.05
N PHE C 37 16.04 26.91 12.51
CA PHE C 37 16.56 25.91 11.60
C PHE C 37 16.28 24.52 12.16
N THR C 38 15.87 23.62 11.28
CA THR C 38 15.56 22.23 11.64
C THR C 38 16.41 21.31 10.78
N LEU C 39 17.32 20.58 11.41
CA LEU C 39 18.09 19.53 10.76
C LEU C 39 17.30 18.23 10.80
N ARG C 40 17.20 17.56 9.66
CA ARG C 40 16.43 16.33 9.55
C ARG C 40 17.32 15.23 8.99
N ALA C 41 17.31 14.07 9.64
CA ALA C 41 18.05 12.90 9.16
C ALA C 41 17.06 11.80 8.81
N PRO C 42 16.67 11.68 7.54
CA PRO C 42 15.60 10.74 7.19
C PRO C 42 16.09 9.34 6.92
N ILE C 43 15.43 8.36 7.53
CA ILE C 43 15.75 6.95 7.33
C ILE C 43 14.49 6.14 7.60
N GLN C 44 14.43 4.96 7.03
CA GLN C 44 13.34 4.02 7.29
C GLN C 44 13.85 2.94 8.22
N ARG C 45 13.27 2.89 9.42
CA ARG C 45 13.67 1.94 10.45
C ARG C 45 12.93 0.62 10.29
N ILE C 46 13.42 -0.39 11.00
CA ILE C 46 12.89 -1.74 10.93
C ILE C 46 12.05 -2.00 12.17
N TYR C 47 10.90 -2.63 11.97
CA TYR C 47 9.96 -2.87 13.06
C TYR C 47 10.63 -3.64 14.19
N GLY C 48 10.42 -3.16 15.42
CA GLY C 48 10.91 -3.84 16.60
C GLY C 48 12.36 -3.57 16.95
N VAL C 49 13.18 -3.14 15.98
CA VAL C 49 14.58 -2.86 16.26
C VAL C 49 14.69 -1.68 17.23
N ARG C 50 15.62 -1.79 18.18
CA ARG C 50 15.88 -0.72 19.12
C ARG C 50 16.96 0.20 18.55
N TYR C 51 16.69 1.49 18.57
CA TYR C 51 17.54 2.48 17.93
C TYR C 51 17.99 3.51 18.97
N THR C 52 19.22 4.01 18.77
CA THR C 52 19.79 5.03 19.63
C THR C 52 20.43 6.10 18.76
N GLU C 53 20.08 7.36 19.03
CA GLU C 53 20.60 8.49 18.28
C GLU C 53 21.33 9.45 19.20
N THR C 54 22.40 10.05 18.67
CA THR C 54 23.16 11.06 19.39
C THR C 54 23.42 12.24 18.46
N TRP C 55 23.38 13.45 19.03
CA TRP C 55 23.74 14.66 18.28
C TRP C 55 24.92 15.33 18.95
N SER C 56 25.91 15.74 18.15
CA SER C 56 27.09 16.43 18.64
C SER C 56 27.28 17.76 17.92
N PHE C 57 27.61 18.81 18.67
CA PHE C 57 27.77 20.15 18.13
C PHE C 57 29.21 20.62 18.32
N LEU C 58 29.86 20.95 17.22
CA LEU C 58 31.16 21.62 17.24
C LEU C 58 30.96 23.06 16.80
N PRO C 59 31.04 24.03 17.72
CA PRO C 59 30.84 25.43 17.33
C PRO C 59 32.07 26.02 16.65
N SER C 60 32.59 25.31 15.65
CA SER C 60 33.81 25.74 14.97
C SER C 60 33.61 27.03 14.20
N LEU C 61 32.37 27.31 13.78
CA LEU C 61 32.11 28.53 13.02
C LEU C 61 32.38 29.77 13.87
N THR C 62 32.07 29.72 15.16
CA THR C 62 32.35 30.79 16.10
C THR C 62 33.45 30.39 17.08
N CYS C 63 34.44 29.63 16.61
CA CYS C 63 35.50 29.15 17.49
C CYS C 63 36.26 30.29 18.14
N THR C 64 36.53 31.35 17.37
CA THR C 64 37.22 32.52 17.87
C THR C 64 36.46 33.16 19.04
N THR C 95 38.59 12.07 20.40
CA THR C 95 37.22 12.09 19.92
C THR C 95 36.31 12.84 20.91
N LYS C 96 36.64 14.10 21.17
CA LYS C 96 35.90 14.92 22.14
C LYS C 96 35.03 15.92 21.39
N GLU C 97 33.73 15.66 21.35
CA GLU C 97 32.73 16.59 20.86
C GLU C 97 31.64 16.72 21.91
N ASP C 98 30.85 17.78 21.80
CA ASP C 98 29.81 18.04 22.79
C ASP C 98 28.55 17.28 22.39
N GLN C 99 28.33 16.12 23.02
CA GLN C 99 27.10 15.38 22.82
C GLN C 99 25.92 16.22 23.27
N LEU C 100 25.08 16.65 22.33
CA LEU C 100 23.97 17.52 22.67
C LEU C 100 22.91 16.76 23.45
N ALA C 101 22.39 15.68 22.86
CA ALA C 101 21.55 14.76 23.59
C ALA C 101 21.66 13.39 22.94
N GLU C 102 21.51 12.38 23.79
CA GLU C 102 21.41 10.98 23.42
C GLU C 102 20.02 10.49 23.75
N ILE C 103 19.36 9.88 22.76
CA ILE C 103 18.00 9.36 22.88
C ILE C 103 17.97 7.94 22.37
N SER C 104 16.92 7.21 22.76
CA SER C 104 16.73 5.83 22.32
C SER C 104 15.25 5.52 22.29
N TYR C 105 14.90 4.50 21.51
CA TYR C 105 13.51 4.11 21.31
C TYR C 105 13.47 2.73 20.67
N ARG C 106 12.26 2.20 20.54
CA ARG C 106 12.01 0.96 19.81
C ARG C 106 10.98 1.24 18.73
N PHE C 107 11.28 0.82 17.50
CA PHE C 107 10.44 1.19 16.37
C PHE C 107 9.12 0.43 16.39
N GLN C 108 8.01 1.16 16.43
CA GLN C 108 6.69 0.57 16.31
C GLN C 108 6.12 0.66 14.90
N GLY C 109 6.60 1.61 14.08
CA GLY C 109 6.33 1.61 12.65
C GLY C 109 4.87 1.65 12.25
N LYS C 110 3.97 2.05 13.16
CA LYS C 110 2.56 2.19 12.79
C LYS C 110 2.34 3.33 11.81
N LYS C 111 3.35 4.19 11.64
CA LYS C 111 3.39 5.32 10.70
C LYS C 111 2.52 6.48 11.17
N GLU C 112 1.65 6.25 12.16
CA GLU C 112 0.82 7.33 12.68
C GLU C 112 1.00 7.55 14.16
N ALA C 113 1.00 6.48 14.96
CA ALA C 113 1.17 6.59 16.40
C ALA C 113 2.51 7.23 16.71
N ASP C 114 2.48 8.44 17.30
CA ASP C 114 3.72 9.13 17.62
C ASP C 114 4.57 8.27 18.55
N GLN C 115 5.82 8.05 18.14
CA GLN C 115 6.67 7.09 18.83
C GLN C 115 7.21 7.70 20.13
N PRO C 116 7.05 7.03 21.26
CA PRO C 116 7.75 7.44 22.47
C PRO C 116 9.24 7.16 22.35
N TRP C 117 10.01 7.86 23.17
CA TRP C 117 11.45 7.61 23.22
C TRP C 117 11.97 7.98 24.61
N ILE C 118 13.27 7.82 24.78
CA ILE C 118 13.95 8.02 26.06
C ILE C 118 15.02 9.08 25.86
N VAL C 119 15.07 10.07 26.77
CA VAL C 119 16.14 11.06 26.78
C VAL C 119 17.24 10.46 27.64
N VAL C 120 18.20 9.78 26.98
CA VAL C 120 19.28 9.15 27.73
C VAL C 120 20.13 10.20 28.43
N ASN C 121 20.58 11.21 27.68
CA ASN C 121 21.42 12.24 28.28
C ASN C 121 21.27 13.55 27.52
N THR C 122 21.70 14.63 28.17
CA THR C 122 21.72 15.97 27.58
C THR C 122 22.82 16.79 28.22
N SER C 123 23.71 17.36 27.41
CA SER C 123 24.75 18.23 27.93
C SER C 123 24.16 19.59 28.32
N THR C 124 24.90 20.31 29.16
CA THR C 124 24.48 21.62 29.65
C THR C 124 25.21 22.77 28.96
N LEU C 125 25.73 22.54 27.75
CA LEU C 125 26.55 23.54 27.08
C LEU C 125 25.79 24.83 26.85
N PHE C 126 24.59 24.75 26.27
CA PHE C 126 23.86 25.95 25.92
C PHE C 126 23.32 26.69 27.13
N ASP C 127 23.19 26.01 28.27
CA ASP C 127 22.77 26.68 29.50
C ASP C 127 23.90 27.48 30.12
N GLU C 128 25.15 27.03 29.98
CA GLU C 128 26.29 27.80 30.46
C GLU C 128 26.40 29.13 29.74
N LEU C 129 25.91 29.20 28.50
CA LEU C 129 25.85 30.45 27.75
C LEU C 129 24.51 31.15 27.91
N GLU C 130 23.63 30.63 28.76
CA GLU C 130 22.29 31.17 28.97
C GLU C 130 21.53 31.30 27.65
N LEU C 131 21.62 30.24 26.84
CA LEU C 131 20.85 30.10 25.62
C LEU C 131 20.00 28.84 25.70
N ASP C 132 18.90 28.84 24.95
CA ASP C 132 17.99 27.71 25.09
C ASP C 132 18.56 26.48 24.37
N PRO C 133 18.36 25.28 24.95
CA PRO C 133 18.91 24.08 24.32
C PRO C 133 18.11 23.69 23.10
N PRO C 134 18.73 22.99 22.14
CA PRO C 134 17.98 22.53 20.96
C PRO C 134 16.91 21.50 21.32
N GLU C 135 15.89 21.44 20.49
CA GLU C 135 14.83 20.43 20.61
C GLU C 135 15.23 19.22 19.78
N ILE C 136 15.56 18.12 20.45
CA ILE C 136 16.05 16.92 19.77
C ILE C 136 14.97 15.86 19.79
N GLU C 137 14.62 15.35 18.60
CA GLU C 137 13.63 14.32 18.39
C GLU C 137 14.25 13.24 17.51
N PRO C 138 13.64 12.05 17.43
CA PRO C 138 14.15 11.03 16.50
C PRO C 138 14.35 11.58 15.11
N GLY C 139 15.61 11.68 14.69
CA GLY C 139 15.96 12.10 13.35
C GLY C 139 16.02 13.60 13.14
N VAL C 140 15.67 14.43 14.12
CA VAL C 140 15.66 15.88 13.91
C VAL C 140 16.25 16.62 15.10
N LEU C 141 16.85 17.76 14.79
CA LEU C 141 17.36 18.73 15.75
C LEU C 141 16.81 20.09 15.38
N LYS C 142 16.24 20.80 16.36
CA LYS C 142 15.55 22.05 16.11
C LYS C 142 16.17 23.18 16.92
N VAL C 143 16.36 24.33 16.28
CA VAL C 143 16.79 25.55 16.95
C VAL C 143 15.82 26.65 16.58
N LEU C 144 15.30 27.34 17.59
CA LEU C 144 14.21 28.30 17.38
C LEU C 144 14.70 29.67 16.95
N ARG C 145 15.85 30.11 17.45
CA ARG C 145 16.44 31.40 17.09
C ARG C 145 17.92 31.17 16.80
N THR C 146 18.27 31.09 15.52
CA THR C 146 19.66 30.86 15.16
C THR C 146 20.51 32.06 15.52
N GLU C 147 21.67 31.79 16.11
CA GLU C 147 22.58 32.83 16.58
C GLU C 147 24.00 32.33 16.36
N LYS C 148 24.96 33.22 16.59
CA LYS C 148 26.36 32.89 16.31
C LYS C 148 26.80 31.64 17.04
N GLN C 149 26.31 31.46 18.27
CA GLN C 149 26.69 30.31 19.08
C GLN C 149 26.12 29.00 18.56
N TYR C 150 25.17 29.04 17.63
CA TYR C 150 24.58 27.83 17.06
C TYR C 150 25.20 27.45 15.72
N LEU C 151 26.17 28.21 15.22
CA LEU C 151 26.77 27.94 13.92
C LEU C 151 27.91 26.95 14.04
N GLY C 152 28.04 26.09 13.03
CA GLY C 152 29.11 25.11 13.07
C GLY C 152 28.71 23.75 12.56
N VAL C 153 29.30 22.69 13.11
CA VAL C 153 29.13 21.34 12.60
C VAL C 153 28.24 20.56 13.54
N TYR C 154 27.24 19.89 12.99
CA TYR C 154 26.38 18.99 13.75
C TYR C 154 26.57 17.58 13.21
N ILE C 155 26.79 16.63 14.11
CA ILE C 155 27.02 15.23 13.73
C ILE C 155 25.93 14.39 14.36
N TRP C 156 25.21 13.64 13.51
CA TRP C 156 24.11 12.77 13.92
C TRP C 156 24.53 11.33 13.72
N ASN C 157 24.45 10.54 14.79
CA ASN C 157 24.76 9.11 14.69
C ASN C 157 23.57 8.29 15.18
N MET C 158 23.27 7.22 14.43
CA MET C 158 22.20 6.30 14.79
C MET C 158 22.75 4.87 14.77
N ARG C 159 22.57 4.16 15.87
CA ARG C 159 22.96 2.76 15.98
C ARG C 159 21.75 1.91 16.34
N GLY C 160 21.58 0.79 15.65
CA GLY C 160 20.41 -0.05 15.83
C GLY C 160 20.69 -1.46 16.29
N SER C 161 19.68 -2.10 16.91
CA SER C 161 19.83 -3.46 17.39
C SER C 161 20.12 -4.43 16.25
N ASP C 162 19.73 -4.09 15.03
CA ASP C 162 19.95 -4.93 13.86
C ASP C 162 21.38 -4.91 13.39
N GLY C 163 22.28 -4.31 14.17
CA GLY C 163 23.67 -4.21 13.77
C GLY C 163 23.95 -3.15 12.73
N THR C 164 23.18 -2.07 12.71
CA THR C 164 23.33 -1.02 11.72
C THR C 164 23.82 0.26 12.36
N SER C 165 24.65 1.00 11.62
CA SER C 165 25.19 2.27 12.06
C SER C 165 25.14 3.26 10.91
N THR C 166 24.64 4.47 11.19
CA THR C 166 24.50 5.50 10.17
C THR C 166 24.96 6.84 10.74
N TYR C 167 25.54 7.66 9.86
CA TYR C 167 26.10 8.96 10.23
C TYR C 167 25.50 10.03 9.33
N ALA C 168 25.57 11.28 9.79
CA ALA C 168 25.16 12.43 8.98
C ALA C 168 25.83 13.68 9.53
N THR C 169 26.46 14.45 8.65
CA THR C 169 27.16 15.67 9.05
C THR C 169 26.50 16.88 8.41
N PHE C 170 26.23 17.90 9.23
CA PHE C 170 25.64 19.16 8.80
C PHE C 170 26.58 20.30 9.12
N LEU C 171 26.57 21.32 8.27
CA LEU C 171 27.34 22.55 8.48
C LEU C 171 26.37 23.73 8.39
N VAL C 172 26.04 24.31 9.54
CA VAL C 172 25.08 25.39 9.63
C VAL C 172 25.82 26.72 9.62
N THR C 173 25.54 27.53 8.61
CA THR C 173 26.09 28.86 8.40
C THR C 173 24.96 29.87 8.22
N TRP C 174 25.33 31.10 7.92
CA TRP C 174 24.42 32.21 7.66
C TRP C 174 24.54 32.63 6.20
N LYS C 175 23.39 32.89 5.57
CA LYS C 175 23.40 33.46 4.23
C LYS C 175 23.57 34.97 4.32
N GLY C 176 24.45 35.50 3.46
CA GLY C 176 24.81 36.90 3.49
C GLY C 176 25.91 37.24 4.47
N ASP C 177 26.25 36.33 5.39
CA ASP C 177 27.33 36.53 6.35
C ASP C 177 28.34 35.40 6.36
N GLU C 178 28.03 34.27 5.72
CA GLU C 178 28.91 33.10 5.65
C GLU C 178 29.52 32.73 7.01
N GLN D 1 -7.62 18.07 12.29
CA GLN D 1 -8.08 18.83 13.44
C GLN D 1 -7.50 20.23 13.41
N VAL D 2 -6.38 20.38 12.73
CA VAL D 2 -5.77 21.70 12.52
C VAL D 2 -6.59 22.47 11.49
N GLN D 3 -7.16 23.59 11.92
CA GLN D 3 -8.01 24.40 11.07
C GLN D 3 -7.47 25.82 11.01
N LEU D 4 -7.57 26.45 9.84
CA LEU D 4 -7.08 27.81 9.62
C LEU D 4 -8.19 28.63 9.00
N GLN D 5 -8.45 29.83 9.55
CA GLN D 5 -9.51 30.66 9.01
C GLN D 5 -9.11 32.12 8.98
N GLU D 6 -9.38 32.80 7.86
CA GLU D 6 -8.99 34.18 7.63
C GLU D 6 -10.10 35.15 7.99
N SER D 7 -9.73 36.42 8.07
CA SER D 7 -10.70 37.50 8.16
C SER D 7 -11.49 37.60 6.85
N GLY D 8 -12.68 38.18 6.94
CA GLY D 8 -13.61 38.19 5.84
C GLY D 8 -13.13 38.96 4.62
N PRO D 9 -13.76 38.71 3.48
CA PRO D 9 -13.43 39.45 2.26
C PRO D 9 -14.13 40.81 2.23
N GLY D 10 -13.63 41.68 1.35
CA GLY D 10 -14.25 42.99 1.23
C GLY D 10 -13.55 43.84 0.21
N LEU D 11 -14.13 45.02 -0.02
CA LEU D 11 -13.58 46.00 -0.94
C LEU D 11 -12.52 46.85 -0.25
N VAL D 12 -11.42 47.08 -0.96
CA VAL D 12 -10.36 47.98 -0.50
C VAL D 12 -10.10 48.97 -1.64
N ARG D 13 -10.21 50.26 -1.34
CA ARG D 13 -9.94 51.26 -2.36
C ARG D 13 -8.45 51.27 -2.69
N PRO D 14 -8.08 51.50 -3.95
CA PRO D 14 -6.66 51.45 -4.32
C PRO D 14 -5.84 52.47 -3.55
N SER D 15 -4.59 52.08 -3.26
CA SER D 15 -3.57 52.90 -2.61
C SER D 15 -3.81 53.08 -1.11
N GLN D 16 -4.54 52.17 -0.47
CA GLN D 16 -4.66 52.14 0.98
C GLN D 16 -4.24 50.74 1.45
N THR D 17 -4.36 50.49 2.76
CA THR D 17 -3.75 49.32 3.37
C THR D 17 -4.74 48.17 3.53
N LEU D 18 -4.30 46.98 3.14
CA LEU D 18 -5.02 45.72 3.28
C LEU D 18 -4.56 45.03 4.56
N SER D 19 -5.50 44.59 5.39
CA SER D 19 -5.18 43.86 6.60
C SER D 19 -6.00 42.57 6.65
N LEU D 20 -5.32 41.44 6.85
CA LEU D 20 -6.00 40.18 7.05
C LEU D 20 -5.36 39.44 8.22
N THR D 21 -6.16 38.60 8.88
CA THR D 21 -5.67 37.81 10.00
C THR D 21 -6.20 36.39 9.87
N CYS D 22 -5.39 35.42 10.31
CA CYS D 22 -5.72 34.02 10.29
C CYS D 22 -5.60 33.44 11.69
N THR D 23 -6.65 32.73 12.11
CA THR D 23 -6.74 32.07 13.40
C THR D 23 -6.60 30.57 13.20
N VAL D 24 -5.87 29.94 14.12
CA VAL D 24 -5.54 28.52 14.05
C VAL D 24 -6.28 27.79 15.16
N SER D 25 -6.74 26.57 14.84
CA SER D 25 -7.44 25.71 15.78
C SER D 25 -6.84 24.31 15.73
N GLY D 26 -6.98 23.58 16.83
CA GLY D 26 -6.41 22.26 16.94
C GLY D 26 -4.99 22.22 17.48
N GLY D 27 -4.53 23.32 18.06
CA GLY D 27 -3.16 23.38 18.55
C GLY D 27 -2.79 24.82 18.84
N SER D 28 -1.49 25.05 18.97
CA SER D 28 -0.97 26.40 19.17
C SER D 28 0.18 26.63 18.20
N ILE D 29 0.34 27.90 17.79
CA ILE D 29 1.40 28.25 16.86
C ILE D 29 2.79 28.16 17.49
N THR D 30 2.87 27.82 18.77
CA THR D 30 4.13 27.71 19.49
C THR D 30 4.77 26.33 19.37
N SER D 31 4.12 25.41 18.66
CA SER D 31 4.79 24.16 18.32
C SER D 31 5.92 24.43 17.33
N GLY D 32 6.86 23.48 17.27
CA GLY D 32 8.11 23.73 16.58
C GLY D 32 8.04 23.51 15.08
N SER D 33 9.00 24.15 14.40
CA SER D 33 9.25 23.93 12.97
C SER D 33 8.00 24.18 12.12
N PHE D 34 7.33 25.30 12.37
CA PHE D 34 6.13 25.64 11.61
C PHE D 34 6.14 27.12 11.27
N TYR D 35 6.16 27.43 9.98
CA TYR D 35 6.03 28.79 9.49
C TYR D 35 4.56 29.06 9.17
N TRP D 36 4.04 30.17 9.69
CA TRP D 36 2.68 30.58 9.38
C TRP D 36 2.74 31.61 8.25
N SER D 37 2.10 31.30 7.13
CA SER D 37 2.41 31.98 5.88
C SER D 37 1.15 32.38 5.16
N TRP D 38 1.31 33.32 4.23
CA TRP D 38 0.25 33.78 3.36
C TRP D 38 0.68 33.62 1.91
N VAL D 39 -0.24 33.10 1.09
CA VAL D 39 -0.10 33.06 -0.36
C VAL D 39 -1.38 33.64 -0.97
N ARG D 40 -1.37 33.83 -2.28
CA ARG D 40 -2.53 34.44 -2.94
C ARG D 40 -2.66 33.90 -4.36
N GLN D 41 -3.89 33.93 -4.86
CA GLN D 41 -4.21 33.44 -6.20
C GLN D 41 -5.23 34.38 -6.84
N SER D 42 -4.79 35.14 -7.83
CA SER D 42 -5.70 35.91 -8.67
C SER D 42 -6.03 35.10 -9.92
N ALA D 43 -7.31 35.00 -10.25
CA ALA D 43 -7.76 34.14 -11.34
C ALA D 43 -7.05 34.48 -12.63
N GLY D 44 -6.38 33.47 -13.21
CA GLY D 44 -5.55 33.65 -14.38
C GLY D 44 -4.09 33.92 -14.08
N LYS D 45 -3.74 34.23 -12.83
CA LYS D 45 -2.36 34.53 -12.45
C LYS D 45 -1.76 33.47 -11.54
N GLY D 46 -2.41 32.32 -11.39
CA GLY D 46 -1.85 31.19 -10.67
C GLY D 46 -1.61 31.48 -9.20
N LEU D 47 -0.64 30.77 -8.63
CA LEU D 47 -0.33 30.85 -7.21
C LEU D 47 0.89 31.73 -6.97
N GLU D 48 0.78 32.66 -6.03
CA GLU D 48 1.88 33.54 -5.66
C GLU D 48 2.06 33.52 -4.14
N TRP D 49 3.30 33.42 -3.70
CA TRP D 49 3.63 33.33 -2.28
C TRP D 49 3.90 34.73 -1.75
N ILE D 50 3.18 35.13 -0.70
CA ILE D 50 3.36 36.46 -0.12
C ILE D 50 4.45 36.45 0.95
N GLY D 51 4.35 35.58 1.95
CA GLY D 51 5.40 35.59 2.95
C GLY D 51 5.13 34.63 4.08
N ARG D 52 6.07 34.59 5.02
CA ARG D 52 6.01 33.71 6.18
C ARG D 52 6.48 34.45 7.43
N ILE D 53 5.94 34.01 8.58
CA ILE D 53 6.38 34.46 9.89
C ILE D 53 6.56 33.26 10.80
N PHE D 54 7.46 33.39 11.77
CA PHE D 54 7.69 32.37 12.78
C PHE D 54 7.16 32.85 14.13
N LYS D 55 7.13 31.93 15.10
CA LYS D 55 6.67 32.26 16.44
C LYS D 55 7.57 33.27 17.13
N THR D 56 8.86 33.30 16.74
CA THR D 56 9.81 34.25 17.30
C THR D 56 9.60 35.66 16.78
N GLY D 57 8.94 35.80 15.63
CA GLY D 57 8.84 37.08 14.95
C GLY D 57 9.74 37.20 13.74
N SER D 58 10.65 36.25 13.53
CA SER D 58 11.43 36.21 12.30
C SER D 58 10.51 36.01 11.11
N THR D 59 10.70 36.81 10.06
CA THR D 59 9.84 36.79 8.90
C THR D 59 10.67 36.68 7.63
N THR D 60 10.00 36.25 6.56
CA THR D 60 10.57 36.33 5.21
C THR D 60 9.46 36.71 4.24
N TYR D 61 9.69 37.77 3.47
CA TYR D 61 8.70 38.31 2.56
C TYR D 61 9.10 38.06 1.11
N LYS D 62 8.10 38.00 0.24
CA LYS D 62 8.38 37.91 -1.19
C LYS D 62 9.07 39.19 -1.64
N PRO D 63 10.23 39.10 -2.29
CA PRO D 63 11.02 40.31 -2.57
C PRO D 63 10.26 41.37 -3.36
N SER D 64 9.38 40.97 -4.29
CA SER D 64 8.62 41.95 -5.05
C SER D 64 7.69 42.78 -4.17
N LEU D 65 7.41 42.31 -2.95
CA LEU D 65 6.46 42.97 -2.07
C LEU D 65 7.08 43.49 -0.78
N LYS D 66 8.39 43.25 -0.57
CA LYS D 66 9.03 43.57 0.71
C LYS D 66 8.84 45.03 1.10
N SER D 67 8.81 45.93 0.11
CA SER D 67 8.63 47.35 0.41
C SER D 67 7.25 47.63 1.02
N ARG D 68 6.25 46.80 0.72
CA ARG D 68 4.88 47.08 1.13
C ARG D 68 4.26 46.04 2.04
N VAL D 69 4.89 44.88 2.25
CA VAL D 69 4.29 43.79 3.01
C VAL D 69 4.91 43.73 4.39
N THR D 70 4.06 43.57 5.41
CA THR D 70 4.47 43.44 6.79
C THR D 70 3.65 42.31 7.42
N MET D 71 4.28 41.51 8.27
CA MET D 71 3.63 40.38 8.90
C MET D 71 3.86 40.45 10.40
N SER D 72 2.86 39.98 11.16
CA SER D 72 2.93 40.00 12.61
C SER D 72 2.31 38.71 13.15
N VAL D 73 2.68 38.35 14.37
CA VAL D 73 2.19 37.13 15.00
C VAL D 73 1.74 37.44 16.43
N ASP D 74 0.85 36.58 16.94
CA ASP D 74 0.35 36.67 18.31
C ASP D 74 0.16 35.24 18.80
N THR D 75 1.12 34.78 19.60
CA THR D 75 1.04 33.45 20.21
C THR D 75 -0.02 33.39 21.29
N SER D 76 -0.47 34.53 21.80
CA SER D 76 -1.49 34.53 22.84
C SER D 76 -2.85 34.12 22.26
N LYS D 77 -3.20 34.61 21.07
CA LYS D 77 -4.48 34.35 20.46
C LYS D 77 -4.38 33.37 19.29
N ASN D 78 -3.20 32.77 19.08
CA ASN D 78 -2.94 31.88 17.94
C ASN D 78 -3.36 32.54 16.63
N GLN D 79 -2.83 33.74 16.38
CA GLN D 79 -3.26 34.54 15.24
C GLN D 79 -2.06 35.10 14.50
N PHE D 80 -1.99 34.88 13.19
CA PHE D 80 -0.97 35.55 12.40
C PHE D 80 -1.63 36.48 11.40
N SER D 81 -0.97 37.62 11.13
CA SER D 81 -1.62 38.74 10.48
C SER D 81 -0.72 39.32 9.40
N LEU D 82 -1.36 39.82 8.34
CA LEU D 82 -0.70 40.35 7.15
C LEU D 82 -1.22 41.74 6.84
N LYS D 83 -0.29 42.61 6.41
CA LYS D 83 -0.57 44.00 6.07
C LYS D 83 0.13 44.32 4.76
N LEU D 84 -0.65 44.63 3.72
CA LEU D 84 -0.12 45.01 2.41
C LEU D 84 -0.47 46.47 2.13
N SER D 85 0.53 47.26 1.76
CA SER D 85 0.35 48.69 1.60
C SER D 85 0.44 49.09 0.12
N SER D 86 -0.04 50.31 -0.15
CA SER D 86 0.02 50.90 -1.49
C SER D 86 -0.61 49.98 -2.53
N VAL D 87 -1.80 49.49 -2.20
CA VAL D 87 -2.42 48.40 -2.94
C VAL D 87 -2.96 48.89 -4.27
N THR D 88 -2.72 48.12 -5.33
CA THR D 88 -3.25 48.36 -6.66
C THR D 88 -4.33 47.34 -6.99
N ALA D 89 -5.00 47.55 -8.11
CA ALA D 89 -6.08 46.63 -8.52
C ALA D 89 -5.55 45.24 -8.82
N THR D 90 -4.28 45.13 -9.23
CA THR D 90 -3.68 43.82 -9.51
C THR D 90 -3.42 43.01 -8.24
N ASP D 91 -3.60 43.60 -7.06
CA ASP D 91 -3.50 42.87 -5.80
C ASP D 91 -4.80 42.17 -5.43
N THR D 92 -5.82 42.25 -6.29
CA THR D 92 -7.08 41.55 -6.06
C THR D 92 -6.87 40.07 -6.29
N ALA D 93 -6.94 39.29 -5.22
CA ALA D 93 -6.73 37.85 -5.32
C ALA D 93 -7.36 37.21 -4.09
N VAL D 94 -7.45 35.88 -4.14
CA VAL D 94 -7.85 35.11 -2.96
C VAL D 94 -6.61 34.90 -2.10
N TYR D 95 -6.68 35.34 -0.84
CA TYR D 95 -5.55 35.29 0.07
C TYR D 95 -5.74 34.10 1.02
N PHE D 96 -4.85 33.12 0.89
CA PHE D 96 -4.87 31.91 1.71
C PHE D 96 -3.83 32.02 2.81
N CYS D 97 -4.22 31.64 4.03
CA CYS D 97 -3.25 31.42 5.09
C CYS D 97 -2.95 29.92 5.15
N ALA D 98 -1.74 29.59 5.61
CA ALA D 98 -1.31 28.20 5.63
C ALA D 98 -0.26 27.97 6.69
N ARG D 99 -0.18 26.72 7.14
CA ARG D 99 0.93 26.24 7.96
C ARG D 99 1.93 25.53 7.06
N ALA D 100 3.21 25.73 7.34
CA ALA D 100 4.29 25.20 6.51
C ALA D 100 5.36 24.53 7.36
N PRO D 101 5.56 23.21 7.24
CA PRO D 101 6.76 22.59 7.80
C PRO D 101 8.00 23.00 7.02
N PHE D 102 9.15 22.89 7.68
CA PHE D 102 10.41 23.27 7.06
C PHE D 102 11.54 22.51 7.73
N TYR D 103 12.49 22.03 6.92
CA TYR D 103 13.64 21.30 7.45
C TYR D 103 14.71 21.18 6.38
N ASN D 104 15.95 20.98 6.82
CA ASN D 104 17.08 20.78 5.93
C ASN D 104 17.54 19.33 5.99
N ASP D 105 17.65 18.68 4.83
CA ASP D 105 18.13 17.31 4.75
C ASP D 105 19.19 17.19 3.66
N PHE D 106 19.62 15.96 3.35
CA PHE D 106 20.62 15.78 2.32
C PHE D 106 20.12 16.20 0.95
N SER D 107 18.81 16.37 0.79
CA SER D 107 18.25 16.89 -0.45
C SER D 107 18.25 18.41 -0.50
N GLY D 108 18.17 19.08 0.65
CA GLY D 108 18.15 20.53 0.69
C GLY D 108 17.16 21.11 1.66
N TYR D 109 16.65 22.31 1.36
CA TYR D 109 15.65 22.98 2.19
C TYR D 109 14.26 22.57 1.71
N SER D 110 13.51 21.89 2.57
CA SER D 110 12.14 21.52 2.30
C SER D 110 11.21 22.48 3.04
N TYR D 111 10.27 23.06 2.30
CA TYR D 111 9.34 24.05 2.81
C TYR D 111 8.06 23.90 2.00
N TYR D 112 7.03 23.30 2.60
CA TYR D 112 5.79 23.00 1.90
C TYR D 112 4.61 23.44 2.76
N PHE D 113 3.44 23.53 2.14
CA PHE D 113 2.20 23.88 2.83
C PHE D 113 1.32 22.64 2.91
N ASP D 114 1.15 22.11 4.12
CA ASP D 114 0.38 20.88 4.32
C ASP D 114 -1.07 21.16 4.73
N TYR D 115 -1.27 22.00 5.74
CA TYR D 115 -2.59 22.36 6.23
C TYR D 115 -2.88 23.78 5.79
N TRP D 116 -3.73 23.93 4.77
CA TRP D 116 -4.14 25.25 4.31
C TRP D 116 -5.41 25.71 5.03
N GLY D 117 -5.76 26.97 4.79
CA GLY D 117 -7.05 27.49 5.13
C GLY D 117 -7.85 27.77 3.87
N GLN D 118 -9.09 28.19 4.08
CA GLN D 118 -9.96 28.55 2.95
C GLN D 118 -9.54 29.92 2.43
N GLY D 119 -10.29 30.47 1.49
CA GLY D 119 -9.88 31.72 0.89
C GLY D 119 -10.83 32.88 1.11
N THR D 120 -10.33 34.11 0.94
CA THR D 120 -11.15 35.31 1.01
C THR D 120 -10.81 36.21 -0.17
N LEU D 121 -11.82 36.57 -0.95
CA LEU D 121 -11.64 37.40 -2.14
C LEU D 121 -11.59 38.86 -1.72
N VAL D 122 -10.40 39.42 -1.64
CA VAL D 122 -10.24 40.85 -1.40
C VAL D 122 -10.19 41.56 -2.74
N THR D 123 -11.14 42.45 -2.98
CA THR D 123 -11.23 43.19 -4.22
C THR D 123 -10.71 44.60 -4.02
N VAL D 124 -9.66 44.95 -4.76
CA VAL D 124 -9.09 46.29 -4.75
C VAL D 124 -9.58 46.98 -6.02
N SER D 125 -10.65 47.76 -5.88
CA SER D 125 -11.29 48.38 -7.05
C SER D 125 -12.02 49.63 -6.62
N SER D 126 -11.74 50.74 -7.33
CA SER D 126 -12.51 51.97 -7.18
C SER D 126 -13.57 52.11 -8.27
N ALA D 127 -13.94 50.99 -8.90
CA ALA D 127 -14.90 51.02 -10.00
C ALA D 127 -16.35 50.91 -9.54
N ALA D 128 -16.59 50.48 -8.31
CA ALA D 128 -17.95 50.36 -7.79
C ALA D 128 -17.88 50.40 -6.26
N SER D 129 -19.05 50.28 -5.63
CA SER D 129 -19.17 50.30 -4.18
C SER D 129 -20.02 49.13 -3.72
N THR D 130 -19.91 48.81 -2.43
CA THR D 130 -20.59 47.65 -1.90
C THR D 130 -22.10 47.81 -2.01
N LYS D 131 -22.79 46.70 -2.28
CA LYS D 131 -24.22 46.72 -2.58
C LYS D 131 -24.85 45.39 -2.24
N GLY D 132 -25.97 45.43 -1.52
CA GLY D 132 -26.74 44.24 -1.23
C GLY D 132 -27.35 43.63 -2.48
N PRO D 133 -27.33 42.31 -2.58
CA PRO D 133 -27.83 41.64 -3.79
C PRO D 133 -29.35 41.54 -3.81
N SER D 134 -29.90 41.58 -5.02
CA SER D 134 -31.33 41.42 -5.24
C SER D 134 -31.57 40.02 -5.80
N VAL D 135 -32.44 39.26 -5.14
CA VAL D 135 -32.69 37.86 -5.46
C VAL D 135 -34.07 37.75 -6.12
N PHE D 136 -34.13 37.06 -7.25
CA PHE D 136 -35.37 36.91 -8.00
C PHE D 136 -35.66 35.43 -8.23
N PRO D 137 -36.92 35.02 -8.23
CA PRO D 137 -37.21 33.59 -8.32
C PRO D 137 -37.32 33.07 -9.75
N LEU D 138 -36.42 32.15 -10.13
CA LEU D 138 -36.56 31.39 -11.37
C LEU D 138 -37.53 30.26 -11.09
N ALA D 139 -38.81 30.48 -11.43
CA ALA D 139 -39.91 29.60 -11.10
C ALA D 139 -39.91 28.35 -11.99
N PRO D 140 -40.45 27.24 -11.49
CA PRO D 140 -40.47 26.00 -12.26
C PRO D 140 -41.68 25.90 -13.19
N SER D 141 -41.58 24.97 -14.12
CA SER D 141 -42.69 24.61 -14.99
C SER D 141 -42.54 23.13 -15.34
N SER D 142 -43.45 22.64 -16.19
CA SER D 142 -43.47 21.23 -16.58
C SER D 142 -42.44 21.01 -17.69
N LYS D 143 -41.17 20.94 -17.30
CA LYS D 143 -40.09 20.66 -18.22
C LYS D 143 -39.71 19.18 -18.13
N SER D 144 -39.25 18.63 -19.27
CA SER D 144 -39.02 17.20 -19.40
C SER D 144 -40.24 16.40 -18.96
N THR D 145 -41.42 16.92 -19.33
CA THR D 145 -42.68 16.34 -18.88
C THR D 145 -42.96 14.98 -19.51
N SER D 146 -42.16 14.57 -20.50
CA SER D 146 -42.23 13.21 -21.04
C SER D 146 -41.42 12.26 -20.16
N GLY D 147 -41.77 12.24 -18.88
CA GLY D 147 -41.10 11.39 -17.91
C GLY D 147 -39.74 11.89 -17.47
N GLY D 148 -39.68 13.03 -16.78
CA GLY D 148 -38.42 13.57 -16.32
C GLY D 148 -38.53 14.41 -15.06
N THR D 149 -37.51 15.24 -14.80
CA THR D 149 -37.44 16.10 -13.62
C THR D 149 -37.70 17.54 -14.03
N ALA D 150 -37.66 18.44 -13.04
CA ALA D 150 -37.81 19.86 -13.27
C ALA D 150 -36.67 20.61 -12.58
N ALA D 151 -36.58 21.91 -12.81
CA ALA D 151 -35.54 22.72 -12.21
C ALA D 151 -36.12 24.03 -11.71
N LEU D 152 -35.47 24.59 -10.70
CA LEU D 152 -35.93 25.87 -10.14
C LEU D 152 -34.75 26.55 -9.45
N GLY D 153 -34.81 27.86 -9.33
CA GLY D 153 -33.65 28.53 -8.76
C GLY D 153 -33.89 29.95 -8.31
N CYS D 154 -32.80 30.58 -7.90
CA CYS D 154 -32.73 31.98 -7.51
C CYS D 154 -31.71 32.71 -8.36
N LEU D 155 -32.01 33.97 -8.66
CA LEU D 155 -31.21 34.82 -9.55
C LEU D 155 -30.72 36.02 -8.73
N VAL D 156 -29.47 35.95 -8.28
CA VAL D 156 -28.81 37.08 -7.66
C VAL D 156 -28.31 38.01 -8.76
N LYS D 157 -28.68 39.29 -8.69
CA LYS D 157 -28.53 40.12 -9.87
C LYS D 157 -27.58 41.30 -9.72
N ASP D 158 -27.61 42.02 -8.60
CA ASP D 158 -26.86 43.27 -8.48
C ASP D 158 -26.09 43.32 -7.17
N TYR D 159 -24.85 42.84 -7.18
CA TYR D 159 -24.02 42.87 -5.97
C TYR D 159 -22.59 43.21 -6.33
N PHE D 160 -21.92 43.88 -5.38
CA PHE D 160 -20.51 44.27 -5.43
C PHE D 160 -20.04 44.42 -4.00
N PRO D 161 -18.81 44.00 -3.67
CA PRO D 161 -17.87 43.23 -4.49
C PRO D 161 -18.21 41.75 -4.41
N GLU D 162 -17.29 40.89 -4.77
CA GLU D 162 -17.49 39.47 -4.55
C GLU D 162 -16.87 39.06 -3.22
N PRO D 163 -17.27 37.90 -2.65
CA PRO D 163 -18.16 36.84 -3.11
C PRO D 163 -19.54 36.81 -2.45
N VAL D 164 -20.31 35.77 -2.78
CA VAL D 164 -21.63 35.53 -2.21
C VAL D 164 -21.89 34.02 -2.26
N THR D 165 -22.64 33.53 -1.29
CA THR D 165 -22.89 32.10 -1.15
C THR D 165 -24.39 31.82 -1.21
N VAL D 166 -24.78 30.79 -1.95
CA VAL D 166 -26.19 30.41 -2.08
C VAL D 166 -26.36 28.98 -1.58
N SER D 167 -27.19 28.81 -0.56
CA SER D 167 -27.60 27.52 -0.02
C SER D 167 -29.06 27.27 -0.37
N TRP D 168 -29.51 26.04 -0.15
CA TRP D 168 -30.87 25.64 -0.47
C TRP D 168 -31.49 24.94 0.73
N ASN D 169 -32.65 25.44 1.18
CA ASN D 169 -33.37 24.90 2.33
C ASN D 169 -32.45 24.75 3.53
N SER D 170 -31.62 25.77 3.76
CA SER D 170 -30.67 25.80 4.87
C SER D 170 -29.74 24.58 4.84
N GLY D 171 -29.32 24.18 3.64
CA GLY D 171 -28.40 23.08 3.47
C GLY D 171 -29.03 21.72 3.34
N ALA D 172 -30.35 21.61 3.52
CA ALA D 172 -31.02 20.31 3.36
C ALA D 172 -30.91 19.81 1.92
N LEU D 173 -31.10 20.69 0.96
CA LEU D 173 -30.99 20.34 -0.46
C LEU D 173 -29.54 20.53 -0.91
N THR D 174 -28.85 19.41 -1.17
CA THR D 174 -27.53 19.44 -1.78
C THR D 174 -27.46 18.67 -3.09
N SER D 175 -28.41 17.78 -3.36
CA SER D 175 -28.45 17.04 -4.60
C SER D 175 -29.00 17.91 -5.72
N GLY D 176 -28.26 17.97 -6.83
CA GLY D 176 -28.66 18.77 -7.97
C GLY D 176 -28.40 20.25 -7.84
N VAL D 177 -28.01 20.73 -6.66
CA VAL D 177 -27.72 22.13 -6.44
C VAL D 177 -26.49 22.51 -7.26
N HIS D 178 -26.68 23.36 -8.26
CA HIS D 178 -25.61 23.80 -9.15
C HIS D 178 -25.58 25.32 -9.12
N THR D 179 -24.88 25.90 -8.15
CA THR D 179 -24.70 27.34 -8.12
C THR D 179 -23.69 27.75 -9.18
N PHE D 180 -24.06 28.72 -9.98
CA PHE D 180 -23.31 29.09 -11.17
C PHE D 180 -22.28 30.17 -10.85
N PRO D 181 -21.16 30.19 -11.58
CA PRO D 181 -20.18 31.27 -11.39
C PRO D 181 -20.76 32.62 -11.78
N ALA D 182 -20.26 33.65 -11.11
CA ALA D 182 -20.78 34.99 -11.32
C ALA D 182 -20.24 35.61 -12.61
N VAL D 183 -21.04 36.50 -13.20
CA VAL D 183 -20.64 37.25 -14.38
C VAL D 183 -20.80 38.73 -14.07
N LEU D 184 -19.83 39.52 -14.54
CA LEU D 184 -19.90 40.96 -14.34
C LEU D 184 -20.78 41.58 -15.43
N GLN D 185 -21.76 42.37 -14.99
CA GLN D 185 -22.67 43.03 -15.91
C GLN D 185 -22.16 44.43 -16.24
N SER D 186 -22.73 45.01 -17.29
CA SER D 186 -22.32 46.34 -17.73
C SER D 186 -22.62 47.41 -16.68
N SER D 187 -23.46 47.11 -15.70
CA SER D 187 -23.69 48.03 -14.59
C SER D 187 -22.48 48.13 -13.67
N GLY D 188 -21.48 47.27 -13.83
CA GLY D 188 -20.41 47.15 -12.87
C GLY D 188 -20.75 46.28 -11.68
N LEU D 189 -21.89 45.60 -11.71
CA LEU D 189 -22.37 44.78 -10.61
C LEU D 189 -22.40 43.32 -11.05
N TYR D 190 -22.14 42.43 -10.11
CA TYR D 190 -22.10 41.00 -10.39
C TYR D 190 -23.50 40.39 -10.31
N SER D 191 -23.68 39.28 -11.03
CA SER D 191 -24.94 38.56 -11.05
C SER D 191 -24.65 37.08 -11.26
N LEU D 192 -25.52 36.23 -10.72
CA LEU D 192 -25.37 34.79 -10.87
C LEU D 192 -26.74 34.12 -10.71
N SER D 193 -26.74 32.80 -10.90
CA SER D 193 -27.94 31.99 -10.77
C SER D 193 -27.58 30.73 -10.01
N SER D 194 -28.50 30.28 -9.15
CA SER D 194 -28.37 29.01 -8.47
C SER D 194 -29.63 28.20 -8.75
N VAL D 195 -29.46 27.04 -9.38
CA VAL D 195 -30.58 26.19 -9.77
C VAL D 195 -30.46 24.84 -9.07
N VAL D 196 -31.56 24.11 -9.06
CA VAL D 196 -31.59 22.76 -8.51
C VAL D 196 -32.57 21.94 -9.33
N THR D 197 -32.19 20.69 -9.59
CA THR D 197 -33.06 19.70 -10.21
C THR D 197 -33.83 18.96 -9.15
N VAL D 198 -35.14 18.90 -9.30
CA VAL D 198 -36.02 18.24 -8.36
C VAL D 198 -36.93 17.28 -9.10
N PRO D 199 -37.39 16.21 -8.46
CA PRO D 199 -38.38 15.35 -9.10
C PRO D 199 -39.68 16.09 -9.36
N SER D 200 -40.34 15.75 -10.46
CA SER D 200 -41.63 16.36 -10.78
C SER D 200 -42.69 16.01 -9.74
N SER D 201 -42.49 14.94 -8.97
CA SER D 201 -43.37 14.57 -7.87
C SER D 201 -43.13 15.37 -6.61
N SER D 202 -42.35 16.47 -6.70
CA SER D 202 -42.05 17.29 -5.53
C SER D 202 -42.36 18.77 -5.74
N LEU D 203 -42.92 19.15 -6.89
CA LEU D 203 -43.14 20.56 -7.18
C LEU D 203 -44.12 21.19 -6.19
N GLY D 204 -45.36 20.69 -6.17
CA GLY D 204 -46.37 21.17 -5.26
C GLY D 204 -46.37 20.51 -3.90
N THR D 205 -45.50 19.52 -3.67
CA THR D 205 -45.45 18.80 -2.41
C THR D 205 -44.25 19.19 -1.56
N GLN D 206 -43.42 20.12 -2.01
CA GLN D 206 -42.20 20.48 -1.29
C GLN D 206 -41.99 21.99 -1.37
N THR D 207 -41.44 22.54 -0.29
CA THR D 207 -41.07 23.96 -0.23
C THR D 207 -39.58 24.11 -0.55
N TYR D 208 -39.25 25.12 -1.34
CA TYR D 208 -37.88 25.34 -1.78
C TYR D 208 -37.48 26.78 -1.46
N ILE D 209 -36.36 26.93 -0.74
CA ILE D 209 -35.88 28.22 -0.29
C ILE D 209 -34.39 28.34 -0.60
N CYS D 210 -33.95 29.53 -0.99
CA CYS D 210 -32.54 29.81 -1.22
C CYS D 210 -32.05 30.86 -0.24
N ASN D 211 -30.79 30.71 0.17
CA ASN D 211 -30.17 31.50 1.23
C ASN D 211 -28.91 32.15 0.66
N VAL D 212 -28.89 33.48 0.62
CA VAL D 212 -27.83 34.24 -0.04
C VAL D 212 -27.05 35.01 1.02
N ASN D 213 -25.73 34.82 1.02
CA ASN D 213 -24.83 35.41 2.00
C ASN D 213 -23.81 36.28 1.26
N HIS D 214 -23.97 37.59 1.36
CA HIS D 214 -23.01 38.56 0.84
C HIS D 214 -22.34 39.19 2.05
N LYS D 215 -21.24 38.58 2.50
CA LYS D 215 -20.51 39.10 3.64
C LYS D 215 -19.98 40.51 3.46
N PRO D 216 -19.43 40.91 2.30
CA PRO D 216 -18.88 42.27 2.19
C PRO D 216 -19.84 43.38 2.58
N SER D 217 -21.13 43.23 2.26
CA SER D 217 -22.14 44.21 2.63
C SER D 217 -22.94 43.80 3.85
N ASN D 218 -22.52 42.74 4.56
CA ASN D 218 -23.20 42.25 5.76
C ASN D 218 -24.67 41.93 5.48
N THR D 219 -24.92 41.31 4.32
CA THR D 219 -26.28 41.09 3.85
C THR D 219 -26.57 39.59 3.74
N LYS D 220 -27.77 39.19 4.16
CA LYS D 220 -28.26 37.86 3.92
C LYS D 220 -29.72 37.95 3.48
N VAL D 221 -30.05 37.26 2.38
CA VAL D 221 -31.37 37.31 1.78
C VAL D 221 -31.89 35.89 1.60
N ASP D 222 -33.07 35.61 2.12
CA ASP D 222 -33.71 34.32 1.95
C ASP D 222 -34.94 34.50 1.06
N LYS D 223 -35.08 33.66 0.04
CA LYS D 223 -36.19 33.76 -0.89
C LYS D 223 -36.81 32.39 -1.12
N ARG D 224 -38.14 32.34 -1.07
CA ARG D 224 -38.89 31.09 -1.22
C ARG D 224 -39.35 30.96 -2.67
N VAL D 225 -38.72 30.06 -3.41
CA VAL D 225 -39.16 29.76 -4.77
C VAL D 225 -40.39 28.87 -4.71
N GLU D 226 -41.40 29.21 -5.49
CA GLU D 226 -42.63 28.43 -5.54
C GLU D 226 -43.10 28.38 -6.98
N PRO D 227 -43.80 27.30 -7.36
CA PRO D 227 -44.21 27.14 -8.77
C PRO D 227 -45.09 28.29 -9.25
N LYS D 228 -44.97 28.59 -10.55
CA LYS D 228 -45.75 29.65 -11.17
C LYS D 228 -47.25 29.38 -10.98
N SER D 229 -48.05 30.43 -11.18
CA SER D 229 -49.47 30.35 -10.87
C SER D 229 -50.16 29.27 -11.69
N CYS D 230 -49.90 29.23 -13.00
CA CYS D 230 -50.53 28.22 -13.84
C CYS D 230 -50.00 26.82 -13.56
N ASP D 231 -48.77 26.71 -13.08
CA ASP D 231 -48.18 25.41 -12.74
C ASP D 231 -48.07 25.24 -11.23
N GLN E 1 11.14 37.67 -7.56
CA GLN E 1 10.09 37.25 -8.49
C GLN E 1 10.61 36.23 -9.50
N SER E 2 10.10 35.00 -9.38
CA SER E 2 10.47 33.91 -10.29
C SER E 2 9.27 32.98 -10.44
N VAL E 3 9.36 32.08 -11.41
CA VAL E 3 8.30 31.13 -11.71
C VAL E 3 8.92 29.80 -12.08
N LEU E 4 8.23 28.71 -11.75
CA LEU E 4 8.62 27.37 -12.14
C LEU E 4 7.81 26.97 -13.37
N THR E 5 8.49 26.67 -14.47
CA THR E 5 7.81 26.38 -15.72
C THR E 5 7.15 25.00 -15.69
N GLN E 6 5.89 24.95 -16.09
CA GLN E 6 5.07 23.76 -16.06
C GLN E 6 4.29 23.68 -17.36
N PRO E 7 4.01 22.46 -17.85
CA PRO E 7 3.14 22.32 -19.01
C PRO E 7 1.78 22.94 -18.73
N PRO E 8 1.22 23.67 -19.70
CA PRO E 8 -0.09 24.29 -19.47
C PRO E 8 -1.20 23.28 -19.22
N SER E 9 -1.13 22.11 -19.81
CA SER E 9 -2.16 21.10 -19.64
C SER E 9 -1.61 19.74 -20.02
N ALA E 10 -1.99 18.72 -19.25
CA ALA E 10 -1.74 17.33 -19.56
C ALA E 10 -3.07 16.60 -19.64
N SER E 11 -3.06 15.42 -20.24
CA SER E 11 -4.31 14.70 -20.44
C SER E 11 -4.02 13.22 -20.56
N GLY E 12 -5.08 12.43 -20.43
CA GLY E 12 -4.97 10.99 -20.58
C GLY E 12 -6.32 10.34 -20.37
N THR E 13 -6.44 9.14 -20.93
CA THR E 13 -7.62 8.31 -20.71
C THR E 13 -7.51 7.60 -19.37
N PRO E 14 -8.65 7.20 -18.79
CA PRO E 14 -8.60 6.53 -17.48
C PRO E 14 -7.71 5.31 -17.50
N GLY E 15 -6.76 5.27 -16.57
CA GLY E 15 -5.81 4.20 -16.47
C GLY E 15 -4.42 4.51 -16.98
N GLN E 16 -4.26 5.59 -17.75
CA GLN E 16 -2.93 5.94 -18.25
C GLN E 16 -2.06 6.52 -17.13
N ARG E 17 -0.77 6.61 -17.43
CA ARG E 17 0.20 7.26 -16.57
C ARG E 17 0.52 8.63 -17.17
N VAL E 18 0.14 9.68 -16.46
CA VAL E 18 0.32 11.05 -16.92
C VAL E 18 1.49 11.68 -16.17
N THR E 19 2.36 12.37 -16.90
CA THR E 19 3.53 13.01 -16.32
C THR E 19 3.41 14.52 -16.46
N ILE E 20 3.71 15.24 -15.38
CA ILE E 20 3.76 16.69 -15.37
C ILE E 20 5.18 17.10 -15.00
N SER E 21 5.75 18.05 -15.75
CA SER E 21 7.13 18.46 -15.55
C SER E 21 7.20 19.81 -14.83
N CYS E 22 8.36 20.09 -14.26
CA CYS E 22 8.60 21.31 -13.49
C CYS E 22 10.06 21.72 -13.73
N SER E 23 10.27 22.73 -14.56
CA SER E 23 11.61 23.15 -14.93
C SER E 23 12.02 24.38 -14.13
N GLY E 24 13.23 24.35 -13.57
CA GLY E 24 13.71 25.44 -12.75
C GLY E 24 15.15 25.84 -13.01
N SER E 25 15.78 26.46 -12.01
CA SER E 25 17.11 27.02 -12.12
C SER E 25 18.06 26.31 -11.15
N SER E 26 19.24 26.88 -10.95
CA SER E 26 20.16 26.38 -9.94
C SER E 26 20.00 27.10 -8.60
N SER E 27 19.06 28.04 -8.51
CA SER E 27 18.71 28.67 -7.25
C SER E 27 17.43 28.10 -6.65
N ASP E 28 16.58 27.48 -7.46
CA ASP E 28 15.40 26.75 -7.01
C ASP E 28 15.42 25.37 -7.64
N ILE E 29 14.84 24.39 -6.95
CA ILE E 29 14.79 23.00 -7.43
C ILE E 29 16.18 22.41 -7.50
N GLY E 30 17.12 23.13 -8.12
CA GLY E 30 18.50 22.70 -8.19
C GLY E 30 19.09 22.34 -6.85
N PRO E 31 19.20 23.33 -5.95
CA PRO E 31 19.78 23.04 -4.63
C PRO E 31 18.75 22.62 -3.59
N ASN E 32 17.48 22.90 -3.83
CA ASN E 32 16.43 22.67 -2.84
C ASN E 32 15.39 21.70 -3.39
N THR E 33 14.46 21.30 -2.51
CA THR E 33 13.50 20.25 -2.83
C THR E 33 12.31 20.82 -3.60
N VAL E 34 11.50 19.90 -4.14
CA VAL E 34 10.31 20.26 -4.91
C VAL E 34 9.09 19.64 -4.24
N HIS E 35 8.00 20.39 -4.18
CA HIS E 35 6.76 19.97 -3.56
C HIS E 35 5.62 20.18 -4.54
N TRP E 36 4.66 19.26 -4.54
CA TRP E 36 3.58 19.23 -5.52
C TRP E 36 2.24 19.35 -4.81
N TYR E 37 1.37 20.20 -5.36
CA TYR E 37 0.06 20.52 -4.81
C TYR E 37 -1.02 20.29 -5.86
N ARG E 38 -2.23 20.00 -5.37
CA ARG E 38 -3.42 19.76 -6.19
C ARG E 38 -4.48 20.77 -5.82
N GLN E 39 -5.09 21.40 -6.84
CA GLN E 39 -6.17 22.35 -6.64
C GLN E 39 -7.38 21.93 -7.46
N VAL E 40 -8.50 21.72 -6.78
CA VAL E 40 -9.80 21.49 -7.42
C VAL E 40 -10.53 22.83 -7.46
N PRO E 41 -11.08 23.24 -8.60
CA PRO E 41 -11.69 24.57 -8.69
C PRO E 41 -12.77 24.77 -7.64
N GLY E 42 -12.74 25.92 -6.99
CA GLY E 42 -13.67 26.26 -5.93
C GLY E 42 -13.16 25.99 -4.53
N THR E 43 -12.07 25.24 -4.38
CA THR E 43 -11.55 24.85 -3.08
C THR E 43 -10.05 25.12 -3.04
N ALA E 44 -9.51 25.23 -1.83
CA ALA E 44 -8.10 25.52 -1.64
C ALA E 44 -7.22 24.38 -2.14
N PRO E 45 -5.95 24.66 -2.41
CA PRO E 45 -5.03 23.59 -2.84
C PRO E 45 -4.74 22.61 -1.71
N THR E 46 -4.34 21.40 -2.11
CA THR E 46 -4.01 20.33 -1.18
C THR E 46 -2.63 19.78 -1.51
N LEU E 47 -1.86 19.48 -0.47
CA LEU E 47 -0.53 18.91 -0.67
C LEU E 47 -0.63 17.51 -1.25
N LEU E 48 0.18 17.25 -2.27
CA LEU E 48 0.27 15.94 -2.92
C LEU E 48 1.60 15.26 -2.71
N ILE E 49 2.70 16.00 -2.78
CA ILE E 49 4.04 15.42 -2.62
C ILE E 49 4.91 16.44 -1.91
N TYR E 50 5.75 15.97 -0.99
CA TYR E 50 6.73 16.83 -0.34
C TYR E 50 8.07 16.12 -0.34
N SER E 51 9.15 16.91 -0.23
CA SER E 51 10.52 16.40 -0.18
C SER E 51 10.82 15.52 -1.40
N ASP E 52 10.30 15.93 -2.55
CA ASP E 52 10.54 15.39 -3.88
C ASP E 52 9.88 14.05 -4.17
N ASN E 53 9.56 13.28 -3.13
CA ASN E 53 8.94 11.98 -3.38
C ASN E 53 7.95 11.59 -2.28
N GLN E 54 8.02 12.26 -1.14
CA GLN E 54 7.30 11.80 0.04
C GLN E 54 5.84 12.22 -0.05
N ARG E 55 4.94 11.26 0.22
CA ARG E 55 3.50 11.40 0.05
C ARG E 55 2.84 11.67 1.40
N PRO E 56 1.98 12.67 1.49
CA PRO E 56 1.20 12.86 2.72
C PRO E 56 0.28 11.69 2.97
N SER E 57 -0.08 11.50 4.23
CA SER E 57 -1.04 10.47 4.58
C SER E 57 -2.39 10.79 3.96
N GLY E 58 -2.95 9.83 3.23
CA GLY E 58 -4.15 10.04 2.47
C GLY E 58 -3.93 10.27 0.99
N VAL E 59 -2.68 10.42 0.56
CA VAL E 59 -2.35 10.57 -0.85
C VAL E 59 -2.02 9.19 -1.41
N PRO E 60 -2.74 8.71 -2.42
CA PRO E 60 -2.52 7.35 -2.92
C PRO E 60 -1.12 7.17 -3.51
N ALA E 61 -0.64 5.93 -3.45
CA ALA E 61 0.71 5.59 -3.93
C ALA E 61 0.84 5.69 -5.44
N ARG E 62 -0.27 5.81 -6.18
CA ARG E 62 -0.19 6.02 -7.61
C ARG E 62 0.31 7.40 -7.98
N PHE E 63 0.36 8.33 -7.03
CA PHE E 63 1.00 9.63 -7.22
C PHE E 63 2.45 9.50 -6.80
N SER E 64 3.36 9.93 -7.68
CA SER E 64 4.79 9.84 -7.38
C SER E 64 5.49 11.11 -7.83
N GLY E 65 6.66 11.36 -7.25
CA GLY E 65 7.45 12.52 -7.62
C GLY E 65 8.92 12.17 -7.74
N SER E 66 9.63 12.98 -8.52
CA SER E 66 11.05 12.79 -8.71
C SER E 66 11.71 14.14 -8.99
N ARG E 67 13.01 14.23 -8.74
CA ARG E 67 13.77 15.43 -9.05
C ARG E 67 15.14 15.05 -9.58
N SER E 68 15.56 15.75 -10.63
CA SER E 68 16.91 15.61 -11.20
C SER E 68 17.41 17.01 -11.54
N GLY E 69 18.44 17.45 -10.83
CA GLY E 69 19.06 18.72 -11.14
C GLY E 69 18.07 19.87 -11.06
N THR E 70 18.00 20.65 -12.14
CA THR E 70 17.14 21.81 -12.20
C THR E 70 15.69 21.48 -12.54
N SER E 71 15.33 20.19 -12.59
CA SER E 71 13.99 19.81 -13.03
C SER E 71 13.39 18.78 -12.08
N ALA E 72 12.06 18.70 -12.09
CA ALA E 72 11.31 17.77 -11.26
C ALA E 72 10.09 17.30 -12.04
N SER E 73 9.45 16.24 -11.55
CA SER E 73 8.33 15.68 -12.28
C SER E 73 7.38 14.95 -11.33
N LEU E 74 6.12 14.88 -11.74
CA LEU E 74 5.05 14.20 -11.03
C LEU E 74 4.42 13.17 -11.96
N ALA E 75 4.11 12.00 -11.41
CA ALA E 75 3.49 10.91 -12.16
C ALA E 75 2.16 10.54 -11.51
N ILE E 76 1.09 10.68 -12.29
CA ILE E 76 -0.23 10.18 -11.91
C ILE E 76 -0.40 8.88 -12.68
N SER E 77 -0.04 7.78 -12.02
CA SER E 77 -0.28 6.46 -12.57
C SER E 77 -1.71 6.03 -12.28
N GLY E 78 -2.32 5.33 -13.24
CA GLY E 78 -3.70 4.92 -13.08
C GLY E 78 -4.64 6.12 -13.01
N LEU E 79 -4.57 6.98 -14.02
CA LEU E 79 -5.34 8.21 -14.03
C LEU E 79 -6.83 7.93 -13.86
N GLN E 80 -7.47 8.73 -13.03
CA GLN E 80 -8.87 8.54 -12.67
C GLN E 80 -9.62 9.85 -12.75
N SER E 81 -10.94 9.74 -12.81
CA SER E 81 -11.81 10.92 -12.93
C SER E 81 -11.61 11.88 -11.77
N GLU E 82 -11.20 11.36 -10.60
CA GLU E 82 -10.94 12.22 -9.45
C GLU E 82 -9.65 13.02 -9.60
N ASP E 83 -8.71 12.54 -10.42
CA ASP E 83 -7.43 13.21 -10.58
C ASP E 83 -7.48 14.41 -11.51
N GLU E 84 -8.65 14.76 -12.03
CA GLU E 84 -8.80 15.91 -12.92
C GLU E 84 -8.81 17.18 -12.08
N ALA E 85 -7.70 17.93 -12.13
CA ALA E 85 -7.56 19.17 -11.37
C ALA E 85 -6.37 19.93 -11.92
N ILE E 86 -6.05 21.05 -11.28
CA ILE E 86 -4.87 21.84 -11.62
C ILE E 86 -3.75 21.47 -10.67
N TYR E 87 -2.56 21.21 -11.21
CA TYR E 87 -1.44 20.72 -10.43
C TYR E 87 -0.31 21.74 -10.45
N TYR E 88 0.21 22.06 -9.26
CA TYR E 88 1.24 23.08 -9.11
C TYR E 88 2.48 22.47 -8.47
N CYS E 89 3.66 22.92 -8.89
CA CYS E 89 4.90 22.58 -8.21
C CYS E 89 5.51 23.82 -7.59
N ALA E 90 6.35 23.61 -6.59
CA ALA E 90 6.91 24.71 -5.83
C ALA E 90 8.25 24.32 -5.24
N ALA E 91 9.11 25.31 -5.05
CA ALA E 91 10.44 25.09 -4.47
C ALA E 91 10.93 26.39 -3.86
N TRP E 92 11.88 26.28 -2.95
CA TRP E 92 12.41 27.44 -2.25
C TRP E 92 13.66 27.95 -2.96
N ASP E 93 13.66 29.24 -3.26
CA ASP E 93 14.83 29.95 -3.77
C ASP E 93 15.58 30.57 -2.59
N ASP E 94 16.70 29.96 -2.23
CA ASP E 94 17.58 30.53 -1.20
C ASP E 94 18.69 31.35 -1.88
N SER E 95 18.25 32.41 -2.55
CA SER E 95 19.15 33.46 -2.99
C SER E 95 19.43 34.39 -1.81
N LEU E 96 20.21 35.45 -2.06
CA LEU E 96 20.31 36.49 -1.06
C LEU E 96 18.97 37.15 -0.78
N ASN E 97 18.04 37.07 -1.73
CA ASN E 97 16.65 37.49 -1.56
C ASN E 97 15.76 36.26 -1.65
N PRO E 98 15.56 35.52 -0.55
CA PRO E 98 14.88 34.23 -0.63
C PRO E 98 13.39 34.39 -0.91
N LEU E 99 12.81 33.33 -1.47
CA LEU E 99 11.37 33.32 -1.73
C LEU E 99 10.91 31.88 -1.97
N TYR E 100 9.60 31.69 -2.03
CA TYR E 100 8.99 30.40 -2.33
C TYR E 100 8.38 30.48 -3.72
N VAL E 101 9.07 29.95 -4.70
CA VAL E 101 8.62 30.04 -6.08
C VAL E 101 7.62 28.92 -6.36
N PHE E 102 6.48 29.30 -6.94
CA PHE E 102 5.43 28.37 -7.32
C PHE E 102 5.57 28.03 -8.81
N GLY E 103 4.68 27.16 -9.29
CA GLY E 103 4.66 26.79 -10.69
C GLY E 103 3.63 27.59 -11.47
N THR E 104 3.72 27.45 -12.80
CA THR E 104 2.73 28.09 -13.66
C THR E 104 1.36 27.46 -13.51
N GLY E 105 1.31 26.13 -13.43
CA GLY E 105 0.05 25.40 -13.32
C GLY E 105 -0.12 24.43 -14.48
N THR E 106 -0.57 23.22 -14.15
CA THR E 106 -0.87 22.19 -15.14
C THR E 106 -2.24 21.62 -14.86
N LYS E 107 -3.09 21.60 -15.88
CA LYS E 107 -4.46 21.08 -15.74
C LYS E 107 -4.55 19.73 -16.42
N VAL E 108 -4.84 18.70 -15.65
CA VAL E 108 -5.06 17.36 -16.18
C VAL E 108 -6.54 17.21 -16.52
N THR E 109 -6.82 16.81 -17.75
CA THR E 109 -8.18 16.57 -18.21
C THR E 109 -8.33 15.09 -18.51
N VAL E 110 -9.25 14.43 -17.82
CA VAL E 110 -9.48 12.99 -18.01
C VAL E 110 -10.36 12.83 -19.25
N LEU E 111 -9.79 12.34 -20.33
CA LEU E 111 -10.55 12.11 -21.55
C LEU E 111 -11.24 10.76 -21.48
N GLY E 112 -12.03 10.45 -22.51
CA GLY E 112 -12.67 9.15 -22.59
C GLY E 112 -13.68 8.85 -21.51
N ARG E 113 -14.48 9.84 -21.13
CA ARG E 113 -15.59 9.62 -20.21
C ARG E 113 -16.88 9.59 -21.01
N THR E 114 -17.97 9.19 -20.34
CA THR E 114 -19.25 9.09 -21.02
C THR E 114 -19.68 10.45 -21.57
N VAL E 115 -20.04 10.48 -22.84
CA VAL E 115 -20.55 11.71 -23.45
C VAL E 115 -21.99 11.85 -22.99
N ALA E 116 -22.23 12.74 -22.04
CA ALA E 116 -23.57 12.96 -21.48
C ALA E 116 -24.21 14.14 -22.21
N ALA E 117 -25.47 13.97 -22.60
CA ALA E 117 -26.20 15.02 -23.31
C ALA E 117 -26.89 15.93 -22.31
N PRO E 118 -26.89 17.25 -22.57
CA PRO E 118 -27.45 18.19 -21.60
C PRO E 118 -28.97 18.09 -21.52
N SER E 119 -29.50 18.48 -20.36
CA SER E 119 -30.93 18.64 -20.16
C SER E 119 -31.24 20.14 -20.18
N VAL E 120 -32.12 20.54 -21.09
CA VAL E 120 -32.38 21.95 -21.37
C VAL E 120 -33.65 22.38 -20.67
N PHE E 121 -33.58 23.54 -19.99
CA PHE E 121 -34.72 24.09 -19.26
C PHE E 121 -34.78 25.59 -19.54
N ILE E 122 -35.95 26.09 -19.93
CA ILE E 122 -36.11 27.51 -20.27
C ILE E 122 -37.02 28.16 -19.23
N PHE E 123 -36.42 28.93 -18.33
CA PHE E 123 -37.16 29.69 -17.34
C PHE E 123 -37.55 31.05 -17.89
N PRO E 124 -38.83 31.41 -17.90
CA PRO E 124 -39.26 32.72 -18.36
C PRO E 124 -38.99 33.79 -17.31
N PRO E 125 -39.20 35.07 -17.64
CA PRO E 125 -38.84 36.13 -16.70
C PRO E 125 -39.55 36.01 -15.35
N SER E 126 -38.85 36.46 -14.32
CA SER E 126 -39.32 36.39 -12.95
C SER E 126 -40.21 37.58 -12.60
N ASP E 127 -40.99 37.43 -11.54
CA ASP E 127 -41.74 38.55 -10.98
C ASP E 127 -40.78 39.42 -10.16
N GLU E 128 -41.17 40.70 -10.04
CA GLU E 128 -40.44 41.73 -9.29
C GLU E 128 -39.15 42.13 -10.00
N GLN E 129 -38.77 41.37 -11.02
CA GLN E 129 -37.70 41.77 -11.93
C GLN E 129 -38.29 42.42 -13.17
N LEU E 130 -39.40 41.86 -13.67
CA LEU E 130 -40.19 42.55 -14.67
C LEU E 130 -40.67 43.89 -14.13
N LYS E 131 -41.13 43.91 -12.87
CA LYS E 131 -41.48 45.17 -12.23
C LYS E 131 -40.33 46.16 -12.23
N SER E 132 -39.10 45.66 -12.12
CA SER E 132 -37.90 46.50 -12.15
C SER E 132 -37.53 46.95 -13.57
N GLY E 133 -38.37 46.66 -14.56
CA GLY E 133 -38.13 47.12 -15.92
C GLY E 133 -37.15 46.31 -16.72
N THR E 134 -36.66 45.19 -16.19
CA THR E 134 -35.71 44.34 -16.89
C THR E 134 -36.24 42.92 -16.94
N ALA E 135 -36.22 42.32 -18.12
CA ALA E 135 -36.60 40.92 -18.29
C ALA E 135 -35.35 40.05 -18.42
N SER E 136 -35.45 38.84 -17.90
CA SER E 136 -34.34 37.89 -17.89
C SER E 136 -34.87 36.51 -18.21
N VAL E 137 -34.43 35.93 -19.33
CA VAL E 137 -34.82 34.58 -19.70
C VAL E 137 -33.60 33.68 -19.55
N VAL E 138 -33.77 32.58 -18.81
CA VAL E 138 -32.63 31.74 -18.42
C VAL E 138 -32.75 30.40 -19.14
N CYS E 139 -31.71 30.01 -19.86
CA CYS E 139 -31.64 28.69 -20.48
C CYS E 139 -30.58 27.88 -19.75
N LEU E 140 -30.97 26.71 -19.24
CA LEU E 140 -30.13 25.93 -18.35
C LEU E 140 -29.83 24.57 -18.97
N LEU E 141 -28.55 24.20 -18.96
CA LEU E 141 -28.06 22.89 -19.39
C LEU E 141 -27.46 22.24 -18.15
N ASN E 142 -28.06 21.16 -17.67
CA ASN E 142 -27.76 20.76 -16.31
C ASN E 142 -26.66 19.72 -16.16
N ASN E 143 -26.50 18.79 -17.11
CA ASN E 143 -25.52 17.73 -16.93
C ASN E 143 -25.06 17.27 -18.30
N PHE E 144 -23.80 17.56 -18.64
CA PHE E 144 -23.28 17.21 -19.96
C PHE E 144 -21.76 17.11 -19.91
N TYR E 145 -21.21 16.51 -20.97
CA TYR E 145 -19.78 16.31 -21.16
C TYR E 145 -19.54 16.03 -22.64
N PRO E 146 -18.62 16.73 -23.30
CA PRO E 146 -17.66 17.71 -22.77
C PRO E 146 -18.26 19.08 -22.47
N ARG E 147 -17.41 20.05 -22.13
CA ARG E 147 -17.87 21.41 -21.85
C ARG E 147 -18.37 22.11 -23.10
N GLU E 148 -17.96 21.65 -24.28
CA GLU E 148 -18.29 22.35 -25.52
C GLU E 148 -19.76 22.18 -25.85
N ALA E 149 -20.48 23.29 -25.95
CA ALA E 149 -21.86 23.32 -26.39
C ALA E 149 -22.13 24.71 -26.92
N LYS E 150 -23.31 24.90 -27.51
CA LYS E 150 -23.64 26.24 -27.96
C LYS E 150 -25.14 26.47 -27.86
N VAL E 151 -25.52 27.63 -27.33
CA VAL E 151 -26.91 28.01 -27.14
C VAL E 151 -27.18 29.24 -27.99
N GLN E 152 -28.16 29.14 -28.89
CA GLN E 152 -28.59 30.25 -29.72
C GLN E 152 -29.98 30.68 -29.29
N TRP E 153 -30.14 31.97 -28.99
CA TRP E 153 -31.43 32.53 -28.59
C TRP E 153 -32.19 32.95 -29.83
N LYS E 154 -33.12 32.10 -30.28
CA LYS E 154 -33.99 32.43 -31.40
C LYS E 154 -35.26 33.08 -30.86
N VAL E 155 -35.51 34.32 -31.28
CA VAL E 155 -36.68 35.08 -30.86
C VAL E 155 -37.50 35.36 -32.11
N ASP E 156 -38.70 34.77 -32.17
CA ASP E 156 -39.55 34.87 -33.35
C ASP E 156 -38.80 34.44 -34.61
N ASN E 157 -38.03 33.35 -34.48
CA ASN E 157 -37.21 32.78 -35.55
C ASN E 157 -36.11 33.74 -36.02
N ALA E 158 -35.77 34.75 -35.21
CA ALA E 158 -34.69 35.67 -35.52
C ALA E 158 -33.59 35.50 -34.48
N LEU E 159 -32.37 35.24 -34.94
CA LEU E 159 -31.27 34.99 -34.03
C LEU E 159 -30.85 36.26 -33.31
N GLN E 160 -30.70 36.17 -31.99
CA GLN E 160 -30.20 37.29 -31.19
C GLN E 160 -28.69 37.17 -31.02
N SER E 161 -28.07 38.29 -30.66
CA SER E 161 -26.63 38.31 -30.45
C SER E 161 -26.26 39.50 -29.58
N GLY E 162 -25.12 39.39 -28.90
CA GLY E 162 -24.56 40.47 -28.12
C GLY E 162 -25.29 40.83 -26.85
N ASN E 163 -26.48 40.27 -26.60
CA ASN E 163 -27.28 40.62 -25.44
C ASN E 163 -27.41 39.48 -24.43
N SER E 164 -26.58 38.44 -24.56
CA SER E 164 -26.66 37.28 -23.69
C SER E 164 -25.29 37.01 -23.07
N GLN E 165 -25.31 36.45 -21.86
CA GLN E 165 -24.08 36.05 -21.18
C GLN E 165 -24.19 34.61 -20.73
N GLU E 166 -23.04 33.97 -20.58
CA GLU E 166 -22.97 32.55 -20.29
C GLU E 166 -22.09 32.31 -19.08
N SER E 167 -22.45 31.29 -18.31
CA SER E 167 -21.67 30.87 -17.15
C SER E 167 -21.62 29.35 -17.13
N VAL E 168 -20.48 28.78 -16.77
CA VAL E 168 -20.30 27.34 -16.76
C VAL E 168 -19.71 26.91 -15.43
N THR E 169 -20.33 25.90 -14.82
CA THR E 169 -19.76 25.28 -13.63
C THR E 169 -18.58 24.38 -14.02
N GLU E 170 -17.62 24.28 -13.11
CA GLU E 170 -16.56 23.30 -13.30
C GLU E 170 -17.10 21.91 -12.98
N GLN E 171 -16.40 20.89 -13.47
CA GLN E 171 -16.90 19.52 -13.40
C GLN E 171 -17.26 19.15 -11.96
N ASP E 172 -18.49 18.65 -11.79
CA ASP E 172 -18.99 18.32 -10.46
C ASP E 172 -18.12 17.23 -9.83
N SER E 173 -17.94 17.32 -8.51
CA SER E 173 -17.07 16.37 -7.83
C SER E 173 -17.61 14.95 -7.90
N LYS E 174 -18.93 14.79 -7.97
CA LYS E 174 -19.55 13.48 -7.89
C LYS E 174 -19.65 12.78 -9.25
N ASP E 175 -20.00 13.51 -10.32
CA ASP E 175 -20.15 12.90 -11.63
C ASP E 175 -19.38 13.62 -12.74
N SER E 176 -18.74 14.75 -12.43
CA SER E 176 -17.88 15.45 -13.38
C SER E 176 -18.61 15.84 -14.67
N THR E 177 -19.82 16.36 -14.51
CA THR E 177 -20.64 16.82 -15.62
C THR E 177 -20.80 18.33 -15.50
N TYR E 178 -20.42 19.05 -16.55
CA TYR E 178 -20.58 20.50 -16.54
C TYR E 178 -22.05 20.90 -16.51
N SER E 179 -22.28 22.13 -16.08
CA SER E 179 -23.60 22.76 -16.14
C SER E 179 -23.42 24.18 -16.64
N LEU E 180 -24.30 24.58 -17.57
CA LEU E 180 -24.20 25.87 -18.24
C LEU E 180 -25.49 26.66 -18.05
N SER E 181 -25.35 27.98 -17.91
CA SER E 181 -26.49 28.88 -17.82
C SER E 181 -26.27 30.01 -18.81
N SER E 182 -27.18 30.13 -19.78
CA SER E 182 -27.19 31.24 -20.71
C SER E 182 -28.33 32.17 -20.28
N THR E 183 -27.97 33.31 -19.71
CA THR E 183 -28.94 34.33 -19.32
C THR E 183 -29.02 35.36 -20.44
N LEU E 184 -30.24 35.56 -20.96
CA LEU E 184 -30.50 36.58 -21.96
C LEU E 184 -31.28 37.69 -21.28
N THR E 185 -30.66 38.86 -21.17
CA THR E 185 -31.25 40.03 -20.54
C THR E 185 -31.65 41.00 -21.64
N LEU E 186 -32.85 40.80 -22.18
CA LEU E 186 -33.46 41.74 -23.10
C LEU E 186 -34.45 42.60 -22.31
N SER E 187 -34.35 43.91 -22.48
CA SER E 187 -35.09 44.84 -21.63
C SER E 187 -36.60 44.66 -21.81
N LYS E 188 -37.35 45.20 -20.85
CA LYS E 188 -38.81 45.07 -20.89
C LYS E 188 -39.40 45.62 -22.18
N ALA E 189 -38.87 46.74 -22.66
CA ALA E 189 -39.44 47.38 -23.84
C ALA E 189 -39.47 46.42 -25.02
N ASP E 190 -38.41 45.61 -25.19
CA ASP E 190 -38.39 44.62 -26.25
C ASP E 190 -38.97 43.29 -25.83
N TYR E 191 -38.91 42.94 -24.53
CA TYR E 191 -39.50 41.67 -24.11
C TYR E 191 -41.01 41.68 -24.27
N GLU E 192 -41.64 42.82 -24.03
CA GLU E 192 -43.09 42.93 -24.16
C GLU E 192 -43.54 42.90 -25.62
N LYS E 193 -42.60 42.92 -26.57
CA LYS E 193 -42.97 42.85 -27.98
C LYS E 193 -43.70 41.55 -28.30
N HIS E 194 -43.33 40.46 -27.64
CA HIS E 194 -43.99 39.19 -27.81
C HIS E 194 -43.84 38.37 -26.53
N LYS E 195 -44.30 37.12 -26.58
CA LYS E 195 -44.08 36.16 -25.51
C LYS E 195 -43.35 34.93 -26.03
N VAL E 196 -42.70 35.04 -27.19
CA VAL E 196 -42.11 33.91 -27.90
C VAL E 196 -40.59 34.01 -27.79
N TYR E 197 -39.98 33.11 -27.03
CA TYR E 197 -38.52 33.12 -26.87
C TYR E 197 -38.02 31.69 -26.74
N ALA E 198 -37.01 31.32 -27.52
CA ALA E 198 -36.53 29.94 -27.52
C ALA E 198 -35.01 29.91 -27.45
N CYS E 199 -34.48 28.93 -26.73
CA CYS E 199 -33.04 28.66 -26.72
C CYS E 199 -32.80 27.30 -27.37
N GLU E 200 -31.86 27.27 -28.30
CA GLU E 200 -31.52 26.08 -29.07
C GLU E 200 -30.11 25.64 -28.72
N VAL E 201 -29.96 24.39 -28.30
CA VAL E 201 -28.71 23.86 -27.80
C VAL E 201 -28.17 22.84 -28.79
N THR E 202 -26.92 23.02 -29.19
CA THR E 202 -26.18 22.03 -29.96
C THR E 202 -25.04 21.51 -29.11
N HIS E 203 -24.96 20.18 -28.96
CA HIS E 203 -23.96 19.52 -28.16
C HIS E 203 -23.58 18.20 -28.82
N GLN E 204 -22.39 17.71 -28.48
CA GLN E 204 -21.86 16.50 -29.10
C GLN E 204 -22.75 15.29 -28.84
N GLY E 205 -23.36 15.21 -27.66
CA GLY E 205 -24.23 14.08 -27.36
C GLY E 205 -25.60 14.14 -27.98
N LEU E 206 -25.93 15.25 -28.65
CA LEU E 206 -27.23 15.42 -29.29
C LEU E 206 -27.12 15.10 -30.77
N SER E 207 -28.01 14.23 -31.25
CA SER E 207 -28.04 13.93 -32.68
C SER E 207 -28.52 15.12 -33.49
N SER E 208 -29.38 15.95 -32.91
CA SER E 208 -29.87 17.17 -33.54
C SER E 208 -30.11 18.20 -32.45
N PRO E 209 -30.08 19.49 -32.77
CA PRO E 209 -30.22 20.52 -31.74
C PRO E 209 -31.54 20.39 -30.98
N VAL E 210 -31.48 20.65 -29.68
CA VAL E 210 -32.65 20.61 -28.81
C VAL E 210 -33.13 22.03 -28.58
N THR E 211 -34.37 22.31 -28.92
CA THR E 211 -34.94 23.64 -28.78
C THR E 211 -35.97 23.63 -27.66
N LYS E 212 -35.85 24.58 -26.73
CA LYS E 212 -36.84 24.79 -25.69
C LYS E 212 -37.37 26.20 -25.82
N SER E 213 -38.70 26.32 -25.93
CA SER E 213 -39.33 27.59 -26.24
C SER E 213 -40.41 27.89 -25.20
N PHE E 214 -40.66 29.19 -24.98
CA PHE E 214 -41.75 29.66 -24.16
C PHE E 214 -42.60 30.61 -24.96
N ASN E 215 -43.91 30.34 -25.00
CA ASN E 215 -44.93 31.19 -25.61
C ASN E 215 -46.18 31.12 -24.75
N ARG E 216 -46.83 32.25 -24.54
CA ARG E 216 -48.09 32.32 -23.76
C ARG E 216 -47.79 31.79 -22.34
N GLY E 217 -48.65 30.95 -21.78
CA GLY E 217 -48.41 30.38 -20.47
C GLY E 217 -49.19 31.07 -19.37
#